data_7F6O
#
_entry.id   7F6O
#
_cell.length_a   44.730
_cell.length_b   100.130
_cell.length_c   143.340
_cell.angle_alpha   90.000
_cell.angle_beta   90.000
_cell.angle_gamma   90.000
#
_symmetry.space_group_name_H-M   'P 21 21 21'
#
loop_
_entity.id
_entity.type
_entity.pdbx_description
1 polymer 'Iron ABC transporter, periplasmic iron-binding protein'
2 non-polymer 'MANGANESE (II) ION'
3 non-polymer 'CITRIC ACID'
4 non-polymer 'SULFATE ION'
5 non-polymer 'SULFITE ION'
6 non-polymer 1,2-ETHANEDIOL
7 non-polymer GLYCEROL
8 non-polymer 'TETRAETHYLENE GLYCOL'
9 non-polymer 'SULFUR DIOXIDE'
10 non-polymer DI(HYDROXYETHYL)ETHER
11 water water
#
_entity_poly.entity_id   1
_entity_poly.type   'polypeptide(L)'
_entity_poly.pdbx_seq_one_letter_code
;MMQQSRPASDPQVVEAARKEGRLIIYSATDQSSAQALLDDFRKLYPFIQIEYNDLGTQAIYDRFVSETAAGASSADLLWS
SAMELQVKLASEGYALPYDSPEAKNWPANARLGNLAYSTTLEPAVVVYNKRFLKPEEVPTTREGLARLLQEPRMRGRVAT
WDPERSAVGFTILKADYDRFPAFQELARAFGKAQAALYSSTGAAFEKVISGEHYLAYGFFGSYALLRQRTVKDLGIAYLT
DGTVAIQRVAFINKRAAHPNAAKLFLDYLLSLRGQNLMAYTALIFARRETVVGEATPQALYKAVGGKDKVYAIPVSTEIL
KNLDPAERMRFLTFWRQAVRGQ
;
_entity_poly.pdbx_strand_id   A,B
#
loop_
_chem_comp.id
_chem_comp.type
_chem_comp.name
_chem_comp.formula
CIT non-polymer 'CITRIC ACID' 'C6 H8 O7'
EDO non-polymer 1,2-ETHANEDIOL 'C2 H6 O2'
GOL non-polymer GLYCEROL 'C3 H8 O3'
MN non-polymer 'MANGANESE (II) ION' 'Mn 2'
PEG non-polymer DI(HYDROXYETHYL)ETHER 'C4 H10 O3'
PG4 non-polymer 'TETRAETHYLENE GLYCOL' 'C8 H18 O5'
SO2 non-polymer 'SULFUR DIOXIDE' 'O2 S'
SO3 non-polymer 'SULFITE ION' 'O3 S -2'
SO4 non-polymer 'SULFATE ION' 'O4 S -2'
#
# COMPACT_ATOMS: atom_id res chain seq x y z
N SER A 5 3.93 -5.11 -46.60
CA SER A 5 2.99 -4.57 -47.65
C SER A 5 1.52 -4.91 -47.33
N ARG A 6 0.69 -4.83 -48.36
CA ARG A 6 -0.78 -4.61 -48.36
C ARG A 6 -1.54 -5.54 -47.42
N PRO A 7 -2.48 -5.05 -46.56
CA PRO A 7 -3.30 -5.91 -45.71
C PRO A 7 -4.21 -6.77 -46.61
N ALA A 8 -4.59 -7.97 -46.17
CA ALA A 8 -5.29 -8.98 -47.00
C ALA A 8 -6.78 -8.72 -46.90
N SER A 9 -7.21 -7.47 -46.94
CA SER A 9 -8.66 -7.13 -47.02
C SER A 9 -9.20 -7.61 -48.38
N ASP A 10 -10.38 -8.21 -48.36
CA ASP A 10 -11.12 -8.64 -49.58
C ASP A 10 -11.20 -7.51 -50.60
N PRO A 11 -10.93 -7.79 -51.90
CA PRO A 11 -11.23 -6.85 -52.99
C PRO A 11 -12.63 -6.20 -52.97
N GLN A 12 -13.65 -6.91 -52.54
CA GLN A 12 -15.05 -6.37 -52.52
C GLN A 12 -15.15 -5.33 -51.40
N VAL A 13 -14.53 -5.59 -50.25
CA VAL A 13 -14.49 -4.61 -49.12
C VAL A 13 -13.79 -3.33 -49.60
N VAL A 14 -12.72 -3.47 -50.38
CA VAL A 14 -11.89 -2.33 -50.85
C VAL A 14 -12.75 -1.48 -51.79
N GLU A 15 -13.49 -2.11 -52.71
CA GLU A 15 -14.34 -1.36 -53.67
C GLU A 15 -15.43 -0.63 -52.87
N ALA A 16 -16.07 -1.33 -51.94
CA ALA A 16 -17.18 -0.81 -51.11
C ALA A 16 -16.68 0.42 -50.34
N ALA A 17 -15.51 0.29 -49.70
CA ALA A 17 -14.77 1.39 -49.02
C ALA A 17 -14.57 2.58 -49.94
N ARG A 18 -14.26 2.32 -51.21
CA ARG A 18 -14.05 3.36 -52.25
C ARG A 18 -15.37 4.09 -52.53
N LYS A 19 -16.53 3.43 -52.38
CA LYS A 19 -17.86 4.05 -52.61
C LYS A 19 -18.19 4.89 -51.38
N GLU A 20 -17.86 4.41 -50.18
CA GLU A 20 -17.94 5.18 -48.90
C GLU A 20 -17.05 6.43 -48.98
N GLY A 21 -15.73 6.32 -49.20
CA GLY A 21 -14.79 7.44 -49.42
C GLY A 21 -14.49 8.29 -48.18
N ARG A 22 -14.96 7.88 -47.01
CA ARG A 22 -14.80 8.61 -45.73
C ARG A 22 -14.67 7.57 -44.62
N LEU A 23 -14.07 7.95 -43.49
CA LEU A 23 -13.83 7.05 -42.34
C LEU A 23 -13.78 7.89 -41.08
N ILE A 24 -14.80 7.76 -40.22
CA ILE A 24 -14.89 8.50 -38.93
C ILE A 24 -14.32 7.62 -37.83
N ILE A 25 -13.27 8.10 -37.14
CA ILE A 25 -12.61 7.41 -35.99
C ILE A 25 -12.82 8.23 -34.71
N TYR A 26 -13.32 7.58 -33.65
CA TYR A 26 -13.18 8.08 -32.28
C TYR A 26 -11.98 7.35 -31.66
N SER A 27 -10.98 8.02 -31.11
CA SER A 27 -9.73 7.37 -30.62
C SER A 27 -9.20 8.11 -29.41
N ALA A 28 -8.69 7.37 -28.46
CA ALA A 28 -7.95 7.90 -27.30
C ALA A 28 -6.51 8.21 -27.70
N THR A 29 -5.97 7.59 -28.73
CA THR A 29 -4.52 7.67 -29.05
C THR A 29 -4.14 9.08 -29.48
N ASP A 30 -3.30 9.74 -28.66
CA ASP A 30 -2.77 11.12 -28.88
C ASP A 30 -2.48 11.17 -30.40
N GLN A 31 -3.10 12.08 -31.14
CA GLN A 31 -2.89 12.15 -32.59
C GLN A 31 -1.40 12.25 -32.94
N SER A 32 -0.57 12.90 -32.10
CA SER A 32 0.89 13.02 -32.36
C SER A 32 1.55 11.62 -32.34
N SER A 33 1.01 10.69 -31.55
CA SER A 33 1.44 9.29 -31.60
C SER A 33 0.84 8.63 -32.86
N ALA A 34 -0.39 8.94 -33.24
CA ALA A 34 -1.17 8.18 -34.22
C ALA A 34 -0.86 8.61 -35.66
N GLN A 35 -0.38 9.85 -35.86
CA GLN A 35 -0.22 10.51 -37.19
C GLN A 35 0.46 9.58 -38.22
N ALA A 36 1.56 8.89 -37.86
CA ALA A 36 2.32 8.13 -38.86
C ALA A 36 1.41 7.03 -39.42
N LEU A 37 0.47 6.55 -38.62
CA LEU A 37 -0.49 5.51 -39.07
C LEU A 37 -1.48 6.14 -40.05
N LEU A 38 -2.00 7.32 -39.75
CA LEU A 38 -2.94 7.98 -40.69
C LEU A 38 -2.22 8.20 -42.01
N ASP A 39 -0.99 8.72 -41.95
CA ASP A 39 -0.19 9.07 -43.15
C ASP A 39 0.02 7.79 -44.00
N ASP A 40 0.25 6.66 -43.35
CA ASP A 40 0.61 5.41 -44.07
C ASP A 40 -0.66 4.72 -44.63
N PHE A 41 -1.75 4.77 -43.88
CA PHE A 41 -3.11 4.42 -44.38
C PHE A 41 -3.47 5.24 -45.62
N ARG A 42 -3.20 6.55 -45.63
CA ARG A 42 -3.51 7.46 -46.76
C ARG A 42 -2.77 6.98 -47.99
N LYS A 43 -1.58 6.40 -47.83
CA LYS A 43 -0.80 5.96 -49.02
C LYS A 43 -1.39 4.66 -49.55
N LEU A 44 -1.78 3.72 -48.68
CA LEU A 44 -2.45 2.48 -49.13
C LEU A 44 -3.71 2.89 -49.90
N TYR A 45 -4.53 3.72 -49.26
CA TYR A 45 -5.92 4.01 -49.69
C TYR A 45 -6.12 5.51 -49.75
N PRO A 46 -5.58 6.18 -50.78
CA PRO A 46 -5.65 7.63 -50.86
C PRO A 46 -7.08 8.18 -50.99
N PHE A 47 -8.05 7.30 -51.26
CA PHE A 47 -9.45 7.66 -51.61
C PHE A 47 -10.32 7.70 -50.35
N ILE A 48 -9.76 7.54 -49.15
CA ILE A 48 -10.58 7.55 -47.91
C ILE A 48 -10.26 8.79 -47.08
N GLN A 49 -11.20 9.74 -47.03
CA GLN A 49 -11.17 10.96 -46.20
C GLN A 49 -11.28 10.51 -44.73
N ILE A 50 -10.22 10.76 -43.93
CA ILE A 50 -10.22 10.38 -42.50
C ILE A 50 -10.59 11.58 -41.63
N GLU A 51 -11.58 11.41 -40.71
CA GLU A 51 -11.79 12.34 -39.58
C GLU A 51 -11.39 11.58 -38.32
N TYR A 52 -10.19 11.90 -37.84
CA TYR A 52 -9.59 11.43 -36.57
C TYR A 52 -10.05 12.35 -35.45
N ASN A 53 -10.83 11.81 -34.52
CA ASN A 53 -11.34 12.52 -33.34
C ASN A 53 -10.55 11.98 -32.15
N ASP A 54 -9.62 12.82 -31.67
CA ASP A 54 -8.75 12.60 -30.50
C ASP A 54 -9.55 13.00 -29.28
N LEU A 55 -10.06 12.04 -28.52
CA LEU A 55 -11.07 12.28 -27.45
C LEU A 55 -10.62 11.56 -26.17
N GLY A 56 -11.00 12.02 -25.01
CA GLY A 56 -10.68 11.26 -23.79
C GLY A 56 -11.39 9.91 -23.83
N THR A 57 -10.98 8.96 -23.02
CA THR A 57 -11.58 7.59 -23.09
C THR A 57 -13.03 7.65 -22.63
N GLN A 58 -13.33 8.34 -21.54
CA GLN A 58 -14.71 8.39 -21.02
C GLN A 58 -15.58 9.14 -22.05
N ALA A 59 -15.06 10.19 -22.69
CA ALA A 59 -15.86 11.03 -23.60
C ALA A 59 -16.29 10.17 -24.79
N ILE A 60 -15.41 9.30 -25.27
CA ILE A 60 -15.68 8.34 -26.39
C ILE A 60 -16.90 7.48 -26.01
N TYR A 61 -16.84 6.76 -24.89
CA TYR A 61 -18.00 5.96 -24.44
C TYR A 61 -19.25 6.83 -24.37
N ASP A 62 -19.23 7.91 -23.58
CA ASP A 62 -20.45 8.75 -23.44
C ASP A 62 -20.93 9.26 -24.82
N ARG A 63 -20.00 9.70 -25.67
CA ARG A 63 -20.37 10.33 -26.96
C ARG A 63 -21.10 9.30 -27.82
N PHE A 64 -20.48 8.10 -27.92
CA PHE A 64 -20.93 7.02 -28.81
C PHE A 64 -22.30 6.51 -28.38
N VAL A 65 -22.52 6.36 -27.09
CA VAL A 65 -23.78 5.84 -26.49
C VAL A 65 -24.94 6.81 -26.78
N SER A 66 -24.70 8.12 -26.57
CA SER A 66 -25.77 9.13 -26.76
C SER A 66 -26.02 9.31 -28.25
N GLU A 67 -24.96 9.40 -29.06
CA GLU A 67 -25.13 9.56 -30.54
C GLU A 67 -25.97 8.39 -31.05
N THR A 68 -25.59 7.16 -30.70
CA THR A 68 -26.28 5.90 -31.09
C THR A 68 -27.75 5.94 -30.65
N ALA A 69 -28.02 6.30 -29.39
CA ALA A 69 -29.39 6.31 -28.80
C ALA A 69 -30.29 7.30 -29.53
N ALA A 70 -29.75 8.35 -30.14
CA ALA A 70 -30.52 9.42 -30.81
C ALA A 70 -30.74 9.11 -32.29
N GLY A 71 -30.01 8.15 -32.83
CA GLY A 71 -30.10 7.78 -34.24
C GLY A 71 -29.06 8.56 -34.99
N ALA A 72 -28.18 9.19 -34.25
CA ALA A 72 -27.22 10.10 -34.88
C ALA A 72 -26.07 9.38 -35.56
N SER A 73 -25.52 10.09 -36.52
CA SER A 73 -24.31 9.60 -37.17
C SER A 73 -23.24 9.66 -36.10
N SER A 74 -22.58 8.54 -35.86
CA SER A 74 -21.48 8.51 -34.90
C SER A 74 -20.29 8.02 -35.73
N ALA A 75 -19.33 7.44 -35.04
CA ALA A 75 -18.17 6.94 -35.73
C ALA A 75 -18.34 5.58 -36.39
N ASP A 76 -17.50 5.34 -37.38
CA ASP A 76 -17.35 4.03 -38.05
C ASP A 76 -16.47 3.09 -37.20
N LEU A 77 -15.38 3.60 -36.61
CA LEU A 77 -14.44 2.75 -35.85
C LEU A 77 -14.06 3.44 -34.57
N LEU A 78 -14.00 2.69 -33.50
CA LEU A 78 -13.69 3.19 -32.15
C LEU A 78 -12.45 2.44 -31.64
N TRP A 79 -11.46 3.23 -31.22
CA TRP A 79 -10.13 2.75 -30.83
C TRP A 79 -9.74 3.36 -29.50
N SER A 80 -9.49 2.59 -28.46
CA SER A 80 -9.34 3.15 -27.11
C SER A 80 -8.64 2.20 -26.14
N SER A 81 -7.83 2.78 -25.27
CA SER A 81 -7.13 2.08 -24.16
C SER A 81 -8.07 1.83 -22.99
N ALA A 82 -9.30 2.38 -22.94
CA ALA A 82 -10.24 2.08 -21.84
C ALA A 82 -10.95 0.75 -22.13
N MET A 83 -10.34 -0.34 -21.68
CA MET A 83 -10.62 -1.69 -22.22
C MET A 83 -11.99 -2.15 -21.75
N GLU A 84 -12.34 -1.89 -20.50
CA GLU A 84 -13.69 -2.22 -19.94
C GLU A 84 -14.77 -1.55 -20.81
N LEU A 85 -14.66 -0.25 -21.07
CA LEU A 85 -15.68 0.52 -21.82
C LEU A 85 -15.85 -0.09 -23.22
N GLN A 86 -14.74 -0.46 -23.88
CA GLN A 86 -14.75 -0.99 -25.26
C GLN A 86 -15.37 -2.40 -25.27
N VAL A 87 -15.03 -3.25 -24.32
CA VAL A 87 -15.52 -4.66 -24.26
C VAL A 87 -17.02 -4.66 -23.95
N LYS A 88 -17.47 -3.73 -23.09
CA LYS A 88 -18.90 -3.51 -22.77
C LYS A 88 -19.67 -3.21 -24.05
N LEU A 89 -19.25 -2.19 -24.78
CA LEU A 89 -19.89 -1.74 -26.03
C LEU A 89 -19.99 -2.97 -26.95
N ALA A 90 -18.86 -3.65 -27.10
CA ALA A 90 -18.64 -4.63 -28.19
C ALA A 90 -19.36 -5.93 -27.85
N SER A 91 -19.65 -6.16 -26.58
CA SER A 91 -20.44 -7.29 -26.07
C SER A 91 -21.89 -6.89 -25.89
N GLU A 92 -22.31 -5.68 -26.28
CA GLU A 92 -23.72 -5.24 -26.03
C GLU A 92 -24.48 -4.83 -27.30
N GLY A 93 -23.97 -5.11 -28.49
CA GLY A 93 -24.73 -4.86 -29.73
C GLY A 93 -24.27 -3.64 -30.49
N TYR A 94 -23.24 -2.95 -30.02
CA TYR A 94 -22.69 -1.77 -30.74
C TYR A 94 -21.69 -2.19 -31.82
N ALA A 95 -21.25 -3.45 -31.87
CA ALA A 95 -20.14 -3.93 -32.72
C ALA A 95 -20.67 -4.61 -33.98
N LEU A 96 -19.98 -4.37 -35.10
CA LEU A 96 -20.18 -5.09 -36.38
C LEU A 96 -19.33 -6.36 -36.33
N PRO A 97 -19.94 -7.56 -36.41
CA PRO A 97 -19.14 -8.76 -36.40
C PRO A 97 -18.30 -8.76 -37.68
N TYR A 98 -16.96 -8.80 -37.55
CA TYR A 98 -16.05 -8.89 -38.72
C TYR A 98 -14.87 -9.77 -38.36
N ASP A 99 -14.68 -10.81 -39.14
CA ASP A 99 -13.57 -11.74 -38.95
C ASP A 99 -12.41 -11.22 -39.78
N SER A 100 -11.50 -10.48 -39.15
CA SER A 100 -10.39 -9.80 -39.85
C SER A 100 -9.49 -10.87 -40.45
N PRO A 101 -9.21 -10.86 -41.77
CA PRO A 101 -8.22 -11.80 -42.34
C PRO A 101 -6.78 -11.54 -41.85
N GLU A 102 -6.52 -10.48 -41.08
CA GLU A 102 -5.18 -10.16 -40.53
C GLU A 102 -5.04 -10.66 -39.09
N ALA A 103 -6.11 -11.18 -38.46
CA ALA A 103 -6.11 -11.66 -37.06
C ALA A 103 -6.25 -13.19 -36.97
N LYS A 104 -5.91 -13.94 -38.02
CA LYS A 104 -6.21 -15.39 -37.95
C LYS A 104 -5.45 -16.01 -36.75
N ASN A 105 -4.28 -15.47 -36.36
CA ASN A 105 -3.45 -16.07 -35.28
C ASN A 105 -3.39 -15.16 -34.04
N TRP A 106 -4.40 -14.31 -33.87
CA TRP A 106 -4.62 -13.59 -32.59
C TRP A 106 -5.04 -14.61 -31.53
N PRO A 107 -4.37 -14.63 -30.36
CA PRO A 107 -4.82 -15.42 -29.22
C PRO A 107 -6.28 -15.07 -28.92
N ALA A 108 -7.01 -16.04 -28.37
CA ALA A 108 -8.44 -15.95 -28.03
C ALA A 108 -8.58 -14.85 -26.99
N ASN A 109 -7.53 -14.55 -26.22
CA ASN A 109 -7.64 -13.51 -25.17
C ASN A 109 -7.20 -12.12 -25.66
N ALA A 110 -7.01 -11.94 -26.96
CA ALA A 110 -6.75 -10.60 -27.55
C ALA A 110 -7.84 -10.28 -28.56
N ARG A 111 -8.92 -11.03 -28.55
CA ARG A 111 -10.07 -10.74 -29.42
C ARG A 111 -11.34 -11.19 -28.70
N LEU A 112 -12.37 -10.38 -28.78
CA LEU A 112 -13.75 -10.79 -28.45
C LEU A 112 -14.39 -11.50 -29.64
N GLY A 113 -14.01 -12.74 -29.94
CA GLY A 113 -14.50 -13.43 -31.15
C GLY A 113 -14.27 -12.56 -32.38
N ASN A 114 -15.34 -12.19 -33.09
CA ASN A 114 -15.28 -11.33 -34.31
C ASN A 114 -15.79 -9.92 -34.01
N LEU A 115 -16.01 -9.59 -32.74
CA LEU A 115 -16.63 -8.31 -32.34
C LEU A 115 -15.60 -7.23 -32.06
N ALA A 116 -14.42 -7.58 -31.53
CA ALA A 116 -13.42 -6.55 -31.16
C ALA A 116 -12.01 -7.15 -31.08
N TYR A 117 -10.97 -6.30 -31.23
CA TYR A 117 -9.57 -6.77 -31.46
C TYR A 117 -8.61 -5.94 -30.61
N SER A 118 -7.62 -6.59 -30.00
CA SER A 118 -6.41 -5.94 -29.49
C SER A 118 -5.59 -5.46 -30.69
N THR A 119 -5.07 -4.24 -30.61
CA THR A 119 -4.16 -3.65 -31.62
C THR A 119 -2.80 -3.29 -31.04
N THR A 120 -2.59 -3.41 -29.73
CA THR A 120 -1.30 -2.99 -29.11
C THR A 120 -1.10 -3.84 -27.85
N LEU A 121 0.12 -3.80 -27.30
CA LEU A 121 0.48 -4.37 -25.98
C LEU A 121 1.37 -3.34 -25.28
N GLU A 122 0.76 -2.31 -24.69
CA GLU A 122 1.47 -1.12 -24.17
C GLU A 122 1.70 -1.23 -22.66
N PRO A 123 2.97 -1.28 -22.21
CA PRO A 123 3.25 -1.39 -20.78
C PRO A 123 2.93 -0.09 -20.03
N ALA A 124 2.47 -0.21 -18.79
CA ALA A 124 2.48 0.83 -17.75
C ALA A 124 3.88 0.84 -17.11
N VAL A 125 4.62 1.95 -17.34
CA VAL A 125 6.05 2.11 -16.96
C VAL A 125 6.17 3.26 -15.96
N VAL A 126 7.40 3.48 -15.52
CA VAL A 126 7.87 4.62 -14.71
C VAL A 126 8.62 5.58 -15.64
N VAL A 127 8.25 6.87 -15.60
CA VAL A 127 9.07 7.91 -16.26
C VAL A 127 9.58 8.80 -15.16
N TYR A 128 10.80 9.29 -15.31
CA TYR A 128 11.47 10.13 -14.29
C TYR A 128 12.33 11.16 -15.01
N ASN A 129 12.67 12.22 -14.29
CA ASN A 129 13.54 13.31 -14.76
C ASN A 129 14.96 12.97 -14.28
N LYS A 130 15.85 12.69 -15.22
CA LYS A 130 17.24 12.30 -14.94
C LYS A 130 17.99 13.45 -14.22
N ARG A 131 17.45 14.67 -14.19
CA ARG A 131 18.10 15.81 -13.51
C ARG A 131 17.90 15.71 -12.00
N PHE A 132 16.87 14.99 -11.57
CA PHE A 132 16.50 14.84 -10.15
C PHE A 132 16.74 13.41 -9.67
N LEU A 133 16.52 12.39 -10.47
CA LEU A 133 16.81 10.96 -10.12
C LEU A 133 17.63 10.36 -11.24
N LYS A 134 18.82 9.88 -10.95
CA LYS A 134 19.62 9.21 -11.98
C LYS A 134 19.16 7.76 -11.98
N PRO A 135 19.44 6.97 -13.04
CA PRO A 135 18.83 5.66 -13.19
C PRO A 135 19.07 4.75 -11.98
N GLU A 136 20.24 4.84 -11.37
CA GLU A 136 20.66 4.00 -10.21
C GLU A 136 19.78 4.33 -9.00
N GLU A 137 19.05 5.41 -9.03
CA GLU A 137 18.14 5.83 -7.91
C GLU A 137 16.73 5.29 -8.14
N VAL A 138 16.33 4.95 -9.37
CA VAL A 138 14.93 4.55 -9.64
C VAL A 138 14.78 3.04 -9.43
N PRO A 139 13.99 2.60 -8.44
CA PRO A 139 13.71 1.18 -8.26
C PRO A 139 12.79 0.70 -9.39
N THR A 140 12.81 -0.60 -9.67
CA THR A 140 12.07 -1.24 -10.77
C THR A 140 11.02 -2.17 -10.18
N THR A 141 10.77 -2.07 -8.88
CA THR A 141 9.71 -2.89 -8.23
C THR A 141 8.80 -1.97 -7.42
N ARG A 142 7.56 -2.39 -7.22
CA ARG A 142 6.56 -1.71 -6.35
C ARG A 142 7.10 -1.60 -4.92
N GLU A 143 7.84 -2.59 -4.43
CA GLU A 143 8.44 -2.54 -3.06
CA GLU A 143 8.44 -2.53 -3.06
C GLU A 143 9.41 -1.35 -3.00
N GLY A 144 10.39 -1.34 -3.91
CA GLY A 144 11.44 -0.32 -4.01
C GLY A 144 10.88 1.07 -4.17
N LEU A 145 9.89 1.22 -5.04
CA LEU A 145 9.23 2.54 -5.27
C LEU A 145 8.54 3.02 -3.99
N ALA A 146 7.87 2.13 -3.27
CA ALA A 146 7.27 2.40 -1.95
C ALA A 146 8.32 2.95 -0.97
N ARG A 147 9.53 2.38 -0.90
CA ARG A 147 10.55 2.79 0.11
C ARG A 147 11.05 4.19 -0.29
N LEU A 148 11.35 4.38 -1.58
CA LEU A 148 11.75 5.69 -2.14
C LEU A 148 10.75 6.75 -1.70
N LEU A 149 9.46 6.43 -1.79
CA LEU A 149 8.36 7.44 -1.60
C LEU A 149 8.10 7.70 -0.11
N GLN A 150 8.79 7.00 0.80
CA GLN A 150 8.87 7.32 2.25
C GLN A 150 9.85 8.48 2.48
N GLU A 151 10.64 8.87 1.50
CA GLU A 151 11.59 9.98 1.73
C GLU A 151 10.77 11.26 1.78
N PRO A 152 10.96 12.12 2.80
CA PRO A 152 10.38 13.45 2.76
C PRO A 152 10.66 14.23 1.49
N ARG A 153 11.89 14.10 0.94
CA ARG A 153 12.40 14.89 -0.23
CA ARG A 153 12.36 14.93 -0.21
C ARG A 153 11.60 14.53 -1.48
N MET A 154 10.87 13.42 -1.42
CA MET A 154 10.01 12.96 -2.53
C MET A 154 8.57 13.43 -2.33
N ARG A 155 8.24 14.04 -1.20
CA ARG A 155 6.87 14.56 -0.95
C ARG A 155 6.54 15.68 -1.95
N GLY A 156 5.49 15.47 -2.77
CA GLY A 156 5.01 16.41 -3.80
C GLY A 156 5.69 16.17 -5.17
N ARG A 157 6.53 15.16 -5.31
CA ARG A 157 7.36 14.95 -6.51
C ARG A 157 6.93 13.70 -7.29
N VAL A 158 5.72 13.20 -7.07
CA VAL A 158 5.21 11.95 -7.70
C VAL A 158 3.86 12.22 -8.35
N ALA A 159 3.67 11.68 -9.55
CA ALA A 159 2.39 11.70 -10.28
C ALA A 159 1.95 10.26 -10.56
N THR A 160 0.63 10.05 -10.56
CA THR A 160 0.04 8.82 -11.11
C THR A 160 -1.31 9.18 -11.63
N TRP A 161 -2.08 8.19 -12.10
CA TRP A 161 -3.42 8.40 -12.70
C TRP A 161 -4.41 8.76 -11.60
N ASP A 162 -5.45 9.51 -11.98
CA ASP A 162 -6.70 9.58 -11.22
C ASP A 162 -7.63 8.57 -11.82
N PRO A 163 -7.85 7.41 -11.13
CA PRO A 163 -8.75 6.39 -11.64
C PRO A 163 -10.24 6.75 -11.52
N GLU A 164 -10.51 7.86 -10.82
CA GLU A 164 -11.89 8.40 -10.64
C GLU A 164 -12.25 9.30 -11.82
N ARG A 165 -11.24 9.79 -12.55
CA ARG A 165 -11.42 10.79 -13.64
C ARG A 165 -10.93 10.26 -15.00
N SER A 166 -9.97 9.35 -15.08
CA SER A 166 -9.47 8.72 -16.32
C SER A 166 -10.00 7.30 -16.39
N ALA A 167 -10.71 6.92 -17.46
CA ALA A 167 -11.29 5.56 -17.53
C ALA A 167 -10.14 4.56 -17.77
N VAL A 168 -9.15 4.97 -18.55
CA VAL A 168 -7.96 4.08 -18.74
C VAL A 168 -7.07 4.12 -17.50
N GLY A 169 -6.98 5.23 -16.78
CA GLY A 169 -6.29 5.22 -15.45
C GLY A 169 -6.93 4.20 -14.52
N PHE A 170 -8.25 4.07 -14.56
CA PHE A 170 -8.97 2.98 -13.84
C PHE A 170 -8.47 1.61 -14.32
N THR A 171 -8.37 1.39 -15.64
CA THR A 171 -8.00 0.09 -16.27
C THR A 171 -6.65 -0.34 -15.70
N ILE A 172 -5.72 0.57 -15.71
CA ILE A 172 -4.31 0.25 -15.35
C ILE A 172 -4.20 -0.03 -13.85
N LEU A 173 -4.73 0.85 -13.01
CA LEU A 173 -4.53 0.82 -11.54
C LEU A 173 -5.37 -0.32 -10.98
N LYS A 174 -6.52 -0.61 -11.58
CA LYS A 174 -7.36 -1.75 -11.14
C LYS A 174 -6.62 -3.05 -11.44
N ALA A 175 -5.96 -3.15 -12.61
CA ALA A 175 -5.22 -4.37 -13.01
C ALA A 175 -3.97 -4.54 -12.13
N ASP A 176 -3.27 -3.45 -11.83
CA ASP A 176 -2.14 -3.40 -10.87
C ASP A 176 -2.57 -3.96 -9.50
N TYR A 177 -3.71 -3.50 -9.00
CA TYR A 177 -4.28 -3.91 -7.71
C TYR A 177 -4.72 -5.38 -7.73
N ASP A 178 -5.37 -5.84 -8.80
CA ASP A 178 -5.85 -7.25 -8.87
C ASP A 178 -4.66 -8.20 -8.79
N ARG A 179 -3.54 -7.89 -9.47
CA ARG A 179 -2.44 -8.86 -9.77
C ARG A 179 -1.23 -8.72 -8.83
N PHE A 180 -0.89 -7.52 -8.29
CA PHE A 180 0.34 -7.31 -7.49
C PHE A 180 -0.01 -6.85 -6.08
N PRO A 181 0.16 -7.73 -5.07
CA PRO A 181 -0.08 -7.36 -3.67
C PRO A 181 0.72 -6.15 -3.19
N ALA A 182 1.92 -5.95 -3.74
CA ALA A 182 2.85 -4.86 -3.35
C ALA A 182 2.27 -3.51 -3.79
N PHE A 183 1.26 -3.53 -4.65
CA PHE A 183 0.58 -2.31 -5.17
C PHE A 183 -0.05 -1.52 -4.03
N GLN A 184 -0.60 -2.25 -3.06
CA GLN A 184 -1.29 -1.69 -1.89
C GLN A 184 -0.31 -0.85 -1.08
N GLU A 185 0.83 -1.44 -0.75
CA GLU A 185 1.94 -0.75 -0.03
C GLU A 185 2.30 0.49 -0.85
N LEU A 186 2.38 0.37 -2.18
CA LEU A 186 2.79 1.46 -3.10
C LEU A 186 1.73 2.56 -3.11
N ALA A 187 0.45 2.20 -3.12
CA ALA A 187 -0.67 3.17 -3.04
C ALA A 187 -0.56 4.01 -1.77
N ARG A 188 -0.38 3.37 -0.62
CA ARG A 188 -0.20 4.09 0.65
C ARG A 188 1.03 4.99 0.53
N ALA A 189 2.07 4.56 -0.19
CA ALA A 189 3.30 5.37 -0.35
C ALA A 189 2.97 6.64 -1.15
N PHE A 190 2.10 6.53 -2.17
CA PHE A 190 1.50 7.69 -2.90
C PHE A 190 0.81 8.68 -1.96
N GLY A 191 0.10 8.18 -0.96
CA GLY A 191 -0.53 9.02 0.09
C GLY A 191 0.51 9.74 0.93
N LYS A 192 1.57 9.03 1.34
CA LYS A 192 2.69 9.64 2.07
C LYS A 192 3.36 10.74 1.23
N ALA A 193 3.58 10.50 -0.06
CA ALA A 193 4.32 11.41 -0.95
C ALA A 193 3.39 12.48 -1.55
N GLN A 194 2.13 12.58 -1.12
CA GLN A 194 1.11 13.57 -1.57
C GLN A 194 1.06 13.50 -3.09
N ALA A 195 0.99 12.27 -3.61
CA ALA A 195 1.04 12.00 -5.06
C ALA A 195 0.01 12.88 -5.72
N ALA A 196 0.37 13.56 -6.81
CA ALA A 196 -0.60 14.35 -7.59
C ALA A 196 -1.20 13.45 -8.69
N LEU A 197 -2.51 13.57 -8.89
CA LEU A 197 -3.31 12.60 -9.69
C LEU A 197 -3.78 13.27 -10.96
N TYR A 198 -3.58 12.62 -12.11
CA TYR A 198 -3.71 13.17 -13.48
C TYR A 198 -4.67 12.33 -14.36
N SER A 199 -5.30 13.04 -15.27
CA SER A 199 -6.33 12.46 -16.16
C SER A 199 -5.76 12.32 -17.58
N SER A 200 -4.47 12.66 -17.81
CA SER A 200 -3.83 12.43 -19.14
C SER A 200 -2.32 12.25 -19.02
N THR A 201 -1.75 11.36 -19.84
CA THR A 201 -0.29 11.12 -19.91
C THR A 201 0.48 12.43 -20.07
N GLY A 202 0.01 13.31 -20.97
CA GLY A 202 0.66 14.60 -21.27
C GLY A 202 0.78 15.47 -20.05
N ALA A 203 -0.27 15.61 -19.26
CA ALA A 203 -0.25 16.53 -18.10
C ALA A 203 0.87 16.08 -17.16
N ALA A 204 0.93 14.78 -16.87
CA ALA A 204 1.90 14.21 -15.92
C ALA A 204 3.32 14.36 -16.48
N PHE A 205 3.56 14.11 -17.78
CA PHE A 205 4.93 14.20 -18.39
C PHE A 205 5.49 15.63 -18.32
N GLU A 206 4.72 16.66 -18.69
CA GLU A 206 5.15 18.09 -18.61
C GLU A 206 5.66 18.41 -17.21
N LYS A 207 4.87 18.06 -16.19
CA LYS A 207 5.17 18.28 -14.74
C LYS A 207 6.47 17.57 -14.37
N VAL A 208 6.63 16.35 -14.85
CA VAL A 208 7.90 15.59 -14.66
C VAL A 208 9.03 16.31 -15.42
N ILE A 209 8.82 16.70 -16.67
CA ILE A 209 9.87 17.36 -17.50
C ILE A 209 10.27 18.68 -16.85
N SER A 210 9.32 19.38 -16.21
CA SER A 210 9.57 20.70 -15.57
C SER A 210 10.28 20.50 -14.22
N GLY A 211 10.17 19.32 -13.64
CA GLY A 211 10.72 19.08 -12.31
C GLY A 211 9.73 19.34 -11.19
N GLU A 212 8.52 19.87 -11.45
CA GLU A 212 7.51 20.01 -10.38
C GLU A 212 7.35 18.64 -9.72
N HIS A 213 7.41 17.56 -10.54
CA HIS A 213 7.46 16.13 -10.12
C HIS A 213 8.75 15.50 -10.66
N TYR A 214 9.24 14.44 -10.02
CA TYR A 214 10.53 13.78 -10.35
C TYR A 214 10.27 12.44 -11.07
N LEU A 215 9.03 11.92 -10.96
CA LEU A 215 8.71 10.51 -11.27
C LEU A 215 7.20 10.38 -11.49
N ALA A 216 6.78 9.70 -12.55
CA ALA A 216 5.37 9.37 -12.83
C ALA A 216 5.24 7.87 -12.96
N TYR A 217 4.22 7.29 -12.37
CA TYR A 217 4.02 5.83 -12.36
C TYR A 217 2.73 5.48 -13.13
N GLY A 218 2.86 4.53 -14.03
CA GLY A 218 1.73 3.84 -14.65
C GLY A 218 1.27 4.39 -15.98
N PHE A 219 2.02 5.30 -16.63
CA PHE A 219 1.70 5.88 -17.96
C PHE A 219 2.28 5.02 -19.07
N PHE A 220 1.76 5.19 -20.28
CA PHE A 220 2.08 4.32 -21.42
C PHE A 220 3.55 4.51 -21.82
N GLY A 221 4.26 3.41 -22.02
CA GLY A 221 5.63 3.41 -22.55
C GLY A 221 5.67 3.97 -23.95
N SER A 222 4.60 3.80 -24.72
CA SER A 222 4.44 4.27 -26.12
C SER A 222 4.74 5.76 -26.14
N TYR A 223 3.98 6.51 -25.34
CA TYR A 223 4.03 8.00 -25.26
C TYR A 223 5.39 8.43 -24.72
N ALA A 224 5.89 7.76 -23.70
CA ALA A 224 7.21 8.08 -23.09
C ALA A 224 8.36 7.92 -24.10
N LEU A 225 8.34 6.97 -25.04
CA LEU A 225 9.43 6.81 -26.03
C LEU A 225 9.42 7.94 -27.06
N LEU A 226 8.22 8.29 -27.52
CA LEU A 226 8.01 9.43 -28.43
C LEU A 226 8.56 10.72 -27.77
N ARG A 227 8.25 10.94 -26.50
CA ARG A 227 8.66 12.18 -25.81
C ARG A 227 10.18 12.22 -25.59
N GLN A 228 10.77 11.06 -25.32
CA GLN A 228 12.23 10.86 -25.13
C GLN A 228 13.03 11.37 -26.33
N ARG A 229 12.48 11.23 -27.54
CA ARG A 229 13.12 11.68 -28.82
C ARG A 229 13.55 13.13 -28.69
N THR A 230 12.69 13.95 -28.06
CA THR A 230 12.82 15.42 -27.93
C THR A 230 13.33 15.84 -26.54
N VAL A 231 13.17 15.01 -25.49
CA VAL A 231 13.54 15.35 -24.09
C VAL A 231 14.60 14.37 -23.58
N LYS A 232 15.84 14.84 -23.51
CA LYS A 232 17.00 14.01 -23.09
C LYS A 232 16.82 13.59 -21.63
N ASP A 233 16.30 14.47 -20.78
CA ASP A 233 16.23 14.22 -19.32
C ASP A 233 15.07 13.29 -18.95
N LEU A 234 14.32 12.79 -19.93
CA LEU A 234 13.19 11.91 -19.61
C LEU A 234 13.68 10.47 -19.65
N GLY A 235 13.55 9.74 -18.54
CA GLY A 235 14.00 8.37 -18.34
C GLY A 235 12.81 7.44 -18.26
N ILE A 236 13.00 6.20 -18.72
CA ILE A 236 11.95 5.14 -18.62
C ILE A 236 12.55 4.01 -17.80
N ALA A 237 11.82 3.60 -16.78
CA ALA A 237 12.13 2.40 -15.99
C ALA A 237 10.97 1.41 -16.13
N TYR A 238 11.28 0.14 -16.42
CA TYR A 238 10.29 -0.95 -16.58
C TYR A 238 10.24 -1.71 -15.28
N LEU A 239 9.08 -2.23 -14.88
CA LEU A 239 8.93 -2.97 -13.61
C LEU A 239 9.27 -4.45 -13.84
N THR A 240 10.22 -4.94 -13.03
CA THR A 240 10.81 -6.30 -13.04
C THR A 240 10.02 -7.23 -12.10
N ASP A 241 9.16 -6.70 -11.25
CA ASP A 241 8.30 -7.51 -10.34
C ASP A 241 6.92 -7.71 -10.99
N GLY A 242 6.68 -7.17 -12.19
CA GLY A 242 5.39 -7.35 -12.90
C GLY A 242 4.97 -6.06 -13.60
N THR A 243 4.50 -6.21 -14.82
CA THR A 243 4.19 -5.07 -15.71
C THR A 243 2.76 -5.30 -16.20
N VAL A 244 1.85 -4.36 -15.93
CA VAL A 244 0.50 -4.29 -16.56
C VAL A 244 0.71 -3.81 -18.00
N ALA A 245 0.15 -4.51 -18.99
CA ALA A 245 0.12 -4.06 -20.40
C ALA A 245 -1.32 -3.83 -20.82
N ILE A 246 -1.68 -2.68 -21.38
CA ILE A 246 -3.07 -2.60 -21.93
C ILE A 246 -3.01 -3.10 -23.38
N GLN A 247 -4.14 -3.52 -23.88
CA GLN A 247 -4.31 -3.83 -25.31
C GLN A 247 -5.33 -2.83 -25.83
N ARG A 248 -4.87 -1.90 -26.62
CA ARG A 248 -5.77 -0.87 -27.17
C ARG A 248 -6.81 -1.57 -28.06
N VAL A 249 -8.08 -1.41 -27.75
CA VAL A 249 -9.19 -2.21 -28.33
C VAL A 249 -9.85 -1.46 -29.52
N ALA A 250 -10.01 -2.16 -30.64
CA ALA A 250 -10.62 -1.62 -31.89
C ALA A 250 -11.93 -2.36 -32.17
N PHE A 251 -13.01 -1.64 -32.42
CA PHE A 251 -14.22 -2.26 -33.01
C PHE A 251 -14.84 -1.30 -33.99
N ILE A 252 -15.62 -1.89 -34.88
CA ILE A 252 -16.47 -1.18 -35.87
C ILE A 252 -17.88 -1.03 -35.30
N ASN A 253 -18.40 0.18 -35.43
CA ASN A 253 -19.81 0.52 -35.15
C ASN A 253 -20.67 -0.35 -36.03
N LYS A 254 -21.60 -1.11 -35.41
CA LYS A 254 -22.68 -1.85 -36.10
C LYS A 254 -23.40 -0.91 -37.07
N ARG A 255 -23.54 0.38 -36.72
CA ARG A 255 -24.33 1.36 -37.50
C ARG A 255 -23.40 2.35 -38.15
N ALA A 256 -22.15 1.95 -38.40
CA ALA A 256 -21.18 2.69 -39.25
C ALA A 256 -21.89 3.00 -40.59
N ALA A 257 -21.81 4.25 -41.02
CA ALA A 257 -22.18 4.72 -42.38
C ALA A 257 -21.13 4.16 -43.34
N HIS A 258 -19.89 3.94 -42.85
CA HIS A 258 -18.76 3.51 -43.70
C HIS A 258 -18.07 2.29 -43.09
N PRO A 259 -18.79 1.16 -43.02
CA PRO A 259 -18.27 -0.07 -42.39
C PRO A 259 -17.05 -0.66 -43.13
N ASN A 260 -17.00 -0.55 -44.45
CA ASN A 260 -15.89 -1.16 -45.23
C ASN A 260 -14.63 -0.32 -45.06
N ALA A 261 -14.75 1.00 -45.00
CA ALA A 261 -13.61 1.86 -44.66
C ALA A 261 -13.09 1.49 -43.28
N ALA A 262 -13.98 1.23 -42.31
CA ALA A 262 -13.60 0.80 -40.94
C ALA A 262 -12.94 -0.58 -41.00
N LYS A 263 -13.44 -1.50 -41.83
CA LYS A 263 -12.82 -2.82 -42.06
C LYS A 263 -11.41 -2.61 -42.60
N LEU A 264 -11.21 -1.70 -43.56
CA LEU A 264 -9.83 -1.57 -44.12
C LEU A 264 -8.90 -1.12 -43.01
N PHE A 265 -9.38 -0.24 -42.14
CA PHE A 265 -8.51 0.47 -41.15
C PHE A 265 -8.18 -0.53 -40.05
N LEU A 266 -9.19 -1.31 -39.66
CA LEU A 266 -8.97 -2.36 -38.66
C LEU A 266 -7.91 -3.30 -39.21
N ASP A 267 -8.10 -3.78 -40.44
CA ASP A 267 -7.21 -4.76 -41.12
C ASP A 267 -5.83 -4.14 -41.20
N TYR A 268 -5.72 -2.89 -41.57
CA TYR A 268 -4.43 -2.16 -41.54
C TYR A 268 -3.81 -2.22 -40.13
N LEU A 269 -4.54 -1.83 -39.09
CA LEU A 269 -3.94 -1.80 -37.73
C LEU A 269 -3.38 -3.19 -37.40
N LEU A 270 -4.01 -4.28 -37.90
CA LEU A 270 -3.65 -5.63 -37.43
C LEU A 270 -2.54 -6.20 -38.29
N SER A 271 -2.28 -5.62 -39.44
CA SER A 271 -1.38 -6.19 -40.47
C SER A 271 0.07 -6.13 -39.98
N LEU A 272 0.93 -6.90 -40.64
CA LEU A 272 2.40 -6.80 -40.41
C LEU A 272 2.84 -5.34 -40.69
N ARG A 273 2.29 -4.65 -41.68
CA ARG A 273 2.68 -3.26 -42.00
C ARG A 273 2.28 -2.28 -40.88
N GLY A 274 1.04 -2.32 -40.41
CA GLY A 274 0.61 -1.40 -39.34
C GLY A 274 1.39 -1.65 -38.07
N GLN A 275 1.52 -2.89 -37.67
CA GLN A 275 2.21 -3.28 -36.42
C GLN A 275 3.67 -2.84 -36.50
N ASN A 276 4.30 -2.98 -37.67
CA ASN A 276 5.74 -2.63 -37.85
C ASN A 276 5.87 -1.11 -37.79
N LEU A 277 4.93 -0.42 -38.44
CA LEU A 277 4.90 1.05 -38.44
C LEU A 277 4.69 1.53 -37.01
N MET A 278 3.84 0.85 -36.23
CA MET A 278 3.63 1.10 -34.78
C MET A 278 4.94 1.03 -33.99
N ALA A 279 5.72 0.00 -34.23
CA ALA A 279 6.89 -0.38 -33.41
C ALA A 279 8.06 0.57 -33.72
N TYR A 280 8.11 1.04 -34.96
CA TYR A 280 9.32 1.63 -35.55
C TYR A 280 9.18 3.14 -35.63
N THR A 281 8.03 3.64 -36.12
CA THR A 281 7.77 5.08 -36.41
C THR A 281 6.73 5.69 -35.44
N ALA A 282 5.59 5.07 -35.19
CA ALA A 282 4.62 5.66 -34.24
C ALA A 282 5.19 5.52 -32.81
N LEU A 283 6.10 4.57 -32.58
CA LEU A 283 6.65 4.19 -31.22
C LEU A 283 5.50 3.77 -30.29
N ILE A 284 4.43 3.19 -30.87
CA ILE A 284 3.31 2.54 -30.09
C ILE A 284 3.71 1.07 -29.94
N PHE A 285 3.74 0.52 -28.72
CA PHE A 285 4.16 -0.89 -28.47
C PHE A 285 3.17 -1.84 -29.14
N ALA A 286 3.66 -2.52 -30.17
CA ALA A 286 2.85 -3.32 -31.11
C ALA A 286 2.39 -4.57 -30.40
N ARG A 287 1.32 -5.16 -30.91
CA ARG A 287 0.78 -6.47 -30.48
C ARG A 287 1.57 -7.65 -31.07
N ARG A 288 1.93 -7.59 -32.35
CA ARG A 288 2.63 -8.71 -33.03
C ARG A 288 4.05 -8.82 -32.49
N GLU A 289 4.51 -10.07 -32.30
CA GLU A 289 5.87 -10.34 -31.79
C GLU A 289 6.93 -10.30 -32.90
N THR A 290 6.59 -10.30 -34.19
CA THR A 290 7.60 -10.35 -35.30
C THR A 290 7.88 -8.94 -35.85
N VAL A 291 7.74 -7.91 -35.02
CA VAL A 291 7.93 -6.47 -35.35
C VAL A 291 9.35 -6.02 -34.94
N VAL A 292 9.83 -5.01 -35.65
CA VAL A 292 11.19 -4.42 -35.52
C VAL A 292 10.95 -2.94 -35.15
N GLY A 293 11.77 -2.43 -34.25
CA GLY A 293 11.66 -1.07 -33.70
C GLY A 293 11.98 -1.07 -32.23
N GLU A 294 11.88 0.09 -31.61
CA GLU A 294 12.02 0.25 -30.14
C GLU A 294 10.75 -0.25 -29.44
N ALA A 295 9.55 -0.04 -30.01
CA ALA A 295 8.25 -0.26 -29.32
C ALA A 295 7.69 -1.64 -29.65
N THR A 296 8.32 -2.70 -29.13
CA THR A 296 8.03 -4.11 -29.47
C THR A 296 7.81 -4.93 -28.20
N PRO A 297 7.03 -6.02 -28.34
CA PRO A 297 6.94 -7.05 -27.32
C PRO A 297 8.33 -7.57 -26.91
N GLN A 298 9.27 -7.80 -27.85
CA GLN A 298 10.61 -8.38 -27.51
C GLN A 298 11.43 -7.39 -26.69
N ALA A 299 11.30 -6.08 -26.93
CA ALA A 299 12.00 -5.03 -26.13
C ALA A 299 11.32 -4.88 -24.76
N LEU A 300 10.03 -5.14 -24.64
CA LEU A 300 9.35 -5.12 -23.33
C LEU A 300 9.80 -6.34 -22.52
N TYR A 301 9.74 -7.53 -23.14
CA TYR A 301 10.05 -8.82 -22.46
C TYR A 301 11.50 -8.77 -21.96
N LYS A 302 12.40 -8.25 -22.76
CA LYS A 302 13.82 -8.16 -22.38
C LYS A 302 13.89 -7.25 -21.16
N ALA A 303 13.19 -6.11 -21.19
CA ALA A 303 13.31 -5.05 -20.16
C ALA A 303 12.83 -5.56 -18.79
N VAL A 304 11.82 -6.43 -18.75
CA VAL A 304 11.15 -6.86 -17.49
C VAL A 304 11.63 -8.27 -17.11
N GLY A 305 12.40 -8.97 -17.96
CA GLY A 305 12.91 -10.32 -17.68
C GLY A 305 12.00 -11.48 -18.11
N GLY A 306 11.18 -11.31 -19.15
CA GLY A 306 10.48 -12.43 -19.82
C GLY A 306 8.99 -12.18 -20.00
N LYS A 307 8.37 -12.82 -20.99
CA LYS A 307 6.93 -12.70 -21.29
C LYS A 307 6.09 -12.89 -20.01
N ASP A 308 6.49 -13.81 -19.13
CA ASP A 308 5.74 -14.21 -17.89
C ASP A 308 5.78 -13.09 -16.85
N LYS A 309 6.55 -12.02 -17.04
CA LYS A 309 6.52 -10.85 -16.12
C LYS A 309 5.56 -9.76 -16.65
N VAL A 310 4.85 -10.05 -17.74
CA VAL A 310 3.85 -9.14 -18.36
C VAL A 310 2.45 -9.70 -18.08
N TYR A 311 1.60 -8.97 -17.37
CA TYR A 311 0.16 -9.31 -17.31
C TYR A 311 -0.52 -8.48 -18.39
N ALA A 312 -0.79 -9.08 -19.54
CA ALA A 312 -1.60 -8.51 -20.65
C ALA A 312 -3.07 -8.58 -20.23
N ILE A 313 -3.75 -7.44 -20.04
CA ILE A 313 -5.20 -7.43 -19.75
C ILE A 313 -5.91 -7.98 -20.98
N PRO A 314 -6.67 -9.10 -20.87
CA PRO A 314 -7.32 -9.67 -22.03
C PRO A 314 -8.47 -8.82 -22.61
N VAL A 315 -8.65 -8.88 -23.92
CA VAL A 315 -9.90 -8.40 -24.56
C VAL A 315 -10.93 -9.52 -24.41
N SER A 316 -11.55 -9.55 -23.22
CA SER A 316 -12.58 -10.52 -22.75
C SER A 316 -13.68 -9.83 -21.93
N THR A 317 -14.90 -10.36 -21.93
CA THR A 317 -16.03 -9.92 -21.05
C THR A 317 -15.72 -10.17 -19.55
N GLU A 318 -14.65 -10.95 -19.26
CA GLU A 318 -14.28 -11.28 -17.86
C GLU A 318 -13.86 -10.01 -17.14
N ILE A 319 -13.32 -9.06 -17.87
CA ILE A 319 -12.77 -7.84 -17.24
C ILE A 319 -13.92 -6.90 -16.87
N LEU A 320 -15.16 -7.16 -17.27
CA LEU A 320 -16.32 -6.26 -16.94
C LEU A 320 -16.65 -6.33 -15.43
N LYS A 321 -16.17 -7.35 -14.75
CA LYS A 321 -16.08 -7.48 -13.27
C LYS A 321 -15.60 -6.13 -12.71
N ASN A 322 -14.73 -5.43 -13.43
CA ASN A 322 -14.10 -4.17 -12.98
C ASN A 322 -15.13 -3.05 -12.88
N LEU A 323 -16.27 -3.23 -13.54
CA LEU A 323 -17.40 -2.27 -13.53
C LEU A 323 -18.51 -2.73 -12.57
N ASP A 324 -18.44 -3.95 -12.03
CA ASP A 324 -19.48 -4.42 -11.08
C ASP A 324 -19.32 -3.61 -9.80
N PRO A 325 -20.42 -3.08 -9.23
CA PRO A 325 -20.39 -2.29 -7.99
C PRO A 325 -19.42 -2.74 -6.86
N ALA A 326 -19.52 -3.98 -6.39
CA ALA A 326 -18.73 -4.51 -5.26
C ALA A 326 -17.24 -4.47 -5.65
N GLU A 327 -16.92 -4.78 -6.89
CA GLU A 327 -15.52 -4.81 -7.40
C GLU A 327 -15.00 -3.36 -7.50
N ARG A 328 -15.82 -2.46 -8.07
CA ARG A 328 -15.53 -1.01 -8.19
C ARG A 328 -15.34 -0.44 -6.78
N MET A 329 -16.28 -0.68 -5.86
CA MET A 329 -16.25 -0.22 -4.45
C MET A 329 -14.95 -0.66 -3.76
N ARG A 330 -14.55 -1.92 -3.82
CA ARG A 330 -13.41 -2.40 -3.02
C ARG A 330 -12.15 -1.69 -3.54
N PHE A 331 -12.00 -1.60 -4.85
CA PHE A 331 -10.80 -0.93 -5.38
C PHE A 331 -10.81 0.54 -4.96
N LEU A 332 -11.87 1.28 -5.20
CA LEU A 332 -11.84 2.76 -5.09
C LEU A 332 -11.85 3.15 -3.63
N THR A 333 -12.47 2.33 -2.77
CA THR A 333 -12.47 2.56 -1.29
C THR A 333 -11.04 2.38 -0.80
N PHE A 334 -10.37 1.36 -1.30
CA PHE A 334 -8.94 1.07 -0.97
C PHE A 334 -8.10 2.28 -1.42
N TRP A 335 -8.32 2.67 -2.67
CA TRP A 335 -7.49 3.69 -3.34
C TRP A 335 -7.64 5.05 -2.65
N ARG A 336 -8.84 5.43 -2.23
CA ARG A 336 -9.13 6.77 -1.65
C ARG A 336 -8.55 6.86 -0.24
N GLN A 337 -8.58 5.77 0.51
CA GLN A 337 -8.02 5.73 1.88
C GLN A 337 -6.49 5.75 1.76
N ALA A 338 -5.94 5.08 0.76
CA ALA A 338 -4.48 4.88 0.62
C ALA A 338 -3.83 6.20 0.21
N VAL A 339 -4.51 6.89 -0.69
CA VAL A 339 -3.94 8.06 -1.40
C VAL A 339 -4.42 9.33 -0.70
N ARG A 340 -5.45 9.22 0.13
CA ARG A 340 -5.51 9.89 1.46
C ARG A 340 -6.75 10.79 1.52
N SER B 5 12.47 -15.86 3.65
CA SER B 5 12.53 -16.63 4.93
C SER B 5 11.10 -16.78 5.49
N ARG B 6 10.26 -17.50 4.74
CA ARG B 6 8.84 -17.84 4.97
C ARG B 6 8.65 -18.43 6.38
N PRO B 7 7.60 -18.09 7.18
CA PRO B 7 7.43 -18.71 8.50
C PRO B 7 7.09 -20.19 8.31
N ALA B 8 7.47 -21.04 9.25
CA ALA B 8 7.39 -22.52 9.14
C ALA B 8 6.00 -22.99 9.57
N SER B 9 4.95 -22.22 9.28
CA SER B 9 3.53 -22.63 9.50
C SER B 9 3.25 -23.92 8.73
N ASP B 10 2.40 -24.79 9.30
CA ASP B 10 1.96 -26.06 8.66
C ASP B 10 1.39 -25.78 7.26
N PRO B 11 1.77 -26.57 6.22
CA PRO B 11 1.13 -26.46 4.91
C PRO B 11 -0.41 -26.61 4.97
N GLN B 12 -0.90 -27.45 5.88
CA GLN B 12 -2.36 -27.68 6.05
C GLN B 12 -3.00 -26.38 6.61
N VAL B 13 -2.36 -25.72 7.55
CA VAL B 13 -2.86 -24.43 8.11
C VAL B 13 -2.95 -23.37 7.01
N VAL B 14 -1.94 -23.36 6.12
CA VAL B 14 -1.87 -22.39 5.00
C VAL B 14 -3.07 -22.63 4.07
N GLU B 15 -3.37 -23.89 3.74
CA GLU B 15 -4.49 -24.20 2.83
C GLU B 15 -5.80 -23.77 3.51
N ALA B 16 -5.97 -24.12 4.77
CA ALA B 16 -7.19 -23.84 5.55
C ALA B 16 -7.42 -22.32 5.57
N ALA B 17 -6.36 -21.56 5.86
CA ALA B 17 -6.32 -20.07 5.79
C ALA B 17 -6.85 -19.57 4.44
N ARG B 18 -6.46 -20.26 3.36
CA ARG B 18 -6.89 -19.91 1.99
C ARG B 18 -8.41 -20.15 1.83
N LYS B 19 -9.02 -21.14 2.49
CA LYS B 19 -10.51 -21.34 2.51
C LYS B 19 -11.18 -20.21 3.31
N GLU B 20 -10.57 -19.76 4.40
CA GLU B 20 -11.07 -18.63 5.22
C GLU B 20 -11.00 -17.32 4.41
N GLY B 21 -9.81 -16.95 3.90
CA GLY B 21 -9.57 -15.79 2.99
C GLY B 21 -9.66 -14.42 3.67
N ARG B 22 -9.87 -14.35 4.99
CA ARG B 22 -10.05 -13.05 5.69
C ARG B 22 -9.31 -13.15 7.03
N LEU B 23 -9.01 -12.01 7.66
CA LEU B 23 -8.28 -11.98 8.96
C LEU B 23 -8.65 -10.72 9.72
N ILE B 24 -9.38 -10.85 10.82
CA ILE B 24 -9.84 -9.68 11.61
C ILE B 24 -8.93 -9.55 12.84
N ILE B 25 -8.27 -8.39 12.95
CA ILE B 25 -7.32 -8.05 14.03
C ILE B 25 -7.88 -6.89 14.86
N TYR B 26 -7.92 -7.09 16.17
CA TYR B 26 -8.06 -5.98 17.15
C TYR B 26 -6.64 -5.66 17.64
N SER B 27 -6.15 -4.41 17.53
CA SER B 27 -4.74 -4.10 17.91
C SER B 27 -4.63 -2.71 18.51
N ALA B 28 -3.75 -2.57 19.49
CA ALA B 28 -3.37 -1.28 20.09
C ALA B 28 -2.29 -0.63 19.24
N THR B 29 -1.56 -1.38 18.42
CA THR B 29 -0.41 -0.84 17.66
C THR B 29 -0.88 0.16 16.60
N ASP B 30 -0.51 1.44 16.76
CA ASP B 30 -0.85 2.52 15.77
C ASP B 30 -0.64 1.93 14.36
N GLN B 31 -1.64 2.03 13.50
CA GLN B 31 -1.61 1.39 12.17
C GLN B 31 -0.37 1.86 11.42
N SER B 32 0.03 3.11 11.57
CA SER B 32 1.22 3.67 10.91
C SER B 32 2.49 2.94 11.39
N SER B 33 2.53 2.44 12.63
CA SER B 33 3.66 1.56 13.05
C SER B 33 3.47 0.17 12.39
N ALA B 34 2.23 -0.33 12.35
CA ALA B 34 1.95 -1.74 11.99
C ALA B 34 1.93 -1.97 10.46
N GLN B 35 1.66 -0.93 9.66
CA GLN B 35 1.41 -1.03 8.19
C GLN B 35 2.44 -1.93 7.48
N ALA B 36 3.74 -1.69 7.70
CA ALA B 36 4.85 -2.40 7.01
C ALA B 36 4.66 -3.91 7.23
N LEU B 37 4.18 -4.32 8.40
CA LEU B 37 3.98 -5.76 8.70
C LEU B 37 2.77 -6.25 7.92
N LEU B 38 1.67 -5.50 7.89
CA LEU B 38 0.46 -5.95 7.17
C LEU B 38 0.84 -6.11 5.70
N ASP B 39 1.59 -5.14 5.17
CA ASP B 39 2.00 -5.09 3.75
C ASP B 39 2.83 -6.33 3.44
N ASP B 40 3.72 -6.72 4.34
CA ASP B 40 4.70 -7.80 4.12
C ASP B 40 4.00 -9.16 4.27
N PHE B 41 3.09 -9.27 5.24
CA PHE B 41 2.16 -10.42 5.39
C PHE B 41 1.39 -10.62 4.07
N ARG B 42 0.83 -9.55 3.48
CA ARG B 42 0.01 -9.65 2.24
C ARG B 42 0.87 -10.23 1.12
N LYS B 43 2.17 -9.99 1.13
CA LYS B 43 3.06 -10.50 0.05
C LYS B 43 3.30 -12.01 0.27
N LEU B 44 3.49 -12.45 1.50
CA LEU B 44 3.55 -13.92 1.80
C LEU B 44 2.24 -14.53 1.32
N TYR B 45 1.11 -13.97 1.75
CA TYR B 45 -0.20 -14.62 1.62
C TYR B 45 -1.21 -13.66 0.98
N PRO B 46 -1.11 -13.44 -0.35
CA PRO B 46 -1.94 -12.43 -1.00
C PRO B 46 -3.44 -12.75 -1.04
N PHE B 47 -3.83 -13.95 -0.66
CA PHE B 47 -5.24 -14.45 -0.63
C PHE B 47 -5.93 -14.14 0.71
N ILE B 48 -5.33 -13.36 1.60
CA ILE B 48 -5.96 -13.00 2.91
C ILE B 48 -6.35 -11.52 2.91
N GLN B 49 -7.66 -11.25 2.96
CA GLN B 49 -8.21 -9.89 3.18
C GLN B 49 -8.09 -9.57 4.65
N ILE B 50 -7.33 -8.55 5.02
CA ILE B 50 -7.11 -8.12 6.45
C ILE B 50 -8.00 -6.92 6.80
N GLU B 51 -8.71 -6.97 7.93
CA GLU B 51 -9.40 -5.83 8.60
C GLU B 51 -8.59 -5.50 9.86
N TYR B 52 -7.83 -4.39 9.81
CA TYR B 52 -6.99 -3.92 10.95
C TYR B 52 -7.79 -2.91 11.76
N ASN B 53 -8.13 -3.26 13.00
CA ASN B 53 -8.88 -2.38 13.94
C ASN B 53 -7.92 -1.83 15.00
N ASP B 54 -7.61 -0.55 14.83
CA ASP B 54 -6.67 0.27 15.65
C ASP B 54 -7.46 0.87 16.81
N LEU B 55 -7.35 0.32 18.00
CA LEU B 55 -8.29 0.58 19.14
C LEU B 55 -7.51 0.86 20.41
N GLY B 56 -8.04 1.61 21.36
CA GLY B 56 -7.40 1.70 22.69
C GLY B 56 -7.34 0.32 23.34
N THR B 57 -6.49 0.13 24.32
CA THR B 57 -6.31 -1.17 25.00
C THR B 57 -7.56 -1.53 25.79
N GLN B 58 -8.19 -0.57 26.49
CA GLN B 58 -9.45 -0.90 27.22
C GLN B 58 -10.55 -1.20 26.19
N ALA B 59 -10.67 -0.44 25.09
CA ALA B 59 -11.77 -0.66 24.11
C ALA B 59 -11.70 -2.10 23.58
N ILE B 60 -10.50 -2.58 23.30
CA ILE B 60 -10.23 -3.97 22.81
C ILE B 60 -10.84 -4.98 23.79
N TYR B 61 -10.35 -5.00 25.03
CA TYR B 61 -10.90 -5.88 26.08
C TYR B 61 -12.43 -5.76 26.10
N ASP B 62 -12.98 -4.56 26.35
CA ASP B 62 -14.44 -4.42 26.53
C ASP B 62 -15.18 -4.89 25.26
N ARG B 63 -14.66 -4.55 24.09
CA ARG B 63 -15.36 -4.89 22.83
C ARG B 63 -15.40 -6.41 22.66
N PHE B 64 -14.27 -7.05 22.86
CA PHE B 64 -14.08 -8.50 22.63
C PHE B 64 -14.95 -9.33 23.61
N VAL B 65 -15.02 -8.89 24.85
CA VAL B 65 -15.81 -9.53 25.94
C VAL B 65 -17.31 -9.46 25.60
N SER B 66 -17.76 -8.29 25.18
CA SER B 66 -19.16 -7.98 24.83
C SER B 66 -19.54 -8.77 23.58
N GLU B 67 -18.73 -8.70 22.54
CA GLU B 67 -19.01 -9.38 21.26
C GLU B 67 -19.04 -10.89 21.49
N THR B 68 -18.11 -11.42 22.28
CA THR B 68 -18.02 -12.87 22.64
C THR B 68 -19.29 -13.24 23.38
N ALA B 69 -19.68 -12.44 24.38
CA ALA B 69 -20.84 -12.72 25.28
C ALA B 69 -22.13 -12.71 24.48
N ALA B 70 -22.21 -11.99 23.36
CA ALA B 70 -23.43 -11.83 22.54
C ALA B 70 -23.43 -12.85 21.40
N GLY B 71 -22.42 -13.72 21.34
CA GLY B 71 -22.27 -14.72 20.27
C GLY B 71 -22.02 -14.04 18.94
N ALA B 72 -21.33 -12.89 18.94
CA ALA B 72 -21.28 -11.88 17.84
C ALA B 72 -19.99 -12.02 17.00
N SER B 73 -20.04 -11.56 15.74
CA SER B 73 -18.86 -11.30 14.88
C SER B 73 -17.80 -10.67 15.78
N SER B 74 -16.61 -11.26 15.85
CA SER B 74 -15.49 -10.68 16.62
C SER B 74 -14.19 -11.00 15.89
N ALA B 75 -13.10 -10.71 16.56
CA ALA B 75 -11.73 -10.80 16.03
C ALA B 75 -11.30 -12.25 15.96
N ASP B 76 -10.42 -12.53 15.00
CA ASP B 76 -9.59 -13.75 14.89
C ASP B 76 -8.33 -13.63 15.76
N LEU B 77 -7.69 -12.48 15.80
CA LEU B 77 -6.43 -12.32 16.56
C LEU B 77 -6.44 -10.98 17.29
N LEU B 78 -5.97 -11.00 18.54
CA LEU B 78 -5.89 -9.82 19.43
C LEU B 78 -4.43 -9.54 19.80
N TRP B 79 -4.05 -8.27 19.62
CA TRP B 79 -2.66 -7.80 19.77
C TRP B 79 -2.68 -6.51 20.59
N SER B 80 -2.05 -6.48 21.76
CA SER B 80 -2.14 -5.33 22.70
C SER B 80 -0.98 -5.29 23.72
N SER B 81 -0.56 -4.08 24.02
CA SER B 81 0.45 -3.74 25.04
C SER B 81 -0.16 -3.74 26.44
N ALA B 82 -1.49 -3.82 26.60
CA ALA B 82 -2.08 -3.98 27.95
C ALA B 82 -2.02 -5.47 28.36
N MET B 83 -0.90 -5.83 28.99
CA MET B 83 -0.45 -7.22 29.15
C MET B 83 -1.38 -7.90 30.15
N GLU B 84 -1.77 -7.22 31.24
CA GLU B 84 -2.77 -7.76 32.22
C GLU B 84 -4.05 -8.16 31.48
N LEU B 85 -4.63 -7.28 30.68
CA LEU B 85 -5.93 -7.58 30.03
C LEU B 85 -5.80 -8.76 29.07
N GLN B 86 -4.67 -8.85 28.35
CA GLN B 86 -4.40 -9.95 27.38
C GLN B 86 -4.24 -11.30 28.11
N VAL B 87 -3.47 -11.33 29.20
CA VAL B 87 -3.13 -12.53 30.00
C VAL B 87 -4.41 -13.03 30.67
N LYS B 88 -5.25 -12.11 31.16
CA LYS B 88 -6.59 -12.39 31.74
C LYS B 88 -7.44 -13.17 30.74
N LEU B 89 -7.67 -12.58 29.59
CA LEU B 89 -8.51 -13.16 28.51
C LEU B 89 -7.98 -14.57 28.20
N ALA B 90 -6.66 -14.65 28.00
CA ALA B 90 -5.96 -15.82 27.45
C ALA B 90 -5.91 -16.93 28.48
N SER B 91 -6.01 -16.58 29.76
CA SER B 91 -6.04 -17.55 30.88
C SER B 91 -7.48 -17.76 31.34
N GLU B 92 -8.48 -17.27 30.62
CA GLU B 92 -9.90 -17.41 31.03
C GLU B 92 -10.77 -18.11 29.98
N GLY B 93 -10.21 -18.56 28.86
CA GLY B 93 -10.96 -19.43 27.94
C GLY B 93 -11.33 -18.71 26.67
N TYR B 94 -10.85 -17.49 26.46
CA TYR B 94 -11.05 -16.77 25.17
C TYR B 94 -10.03 -17.21 24.11
N ALA B 95 -8.93 -17.86 24.51
CA ALA B 95 -7.77 -18.15 23.64
C ALA B 95 -7.83 -19.57 23.07
N LEU B 96 -7.36 -19.68 21.84
CA LEU B 96 -7.22 -20.94 21.06
C LEU B 96 -5.82 -21.44 21.35
N PRO B 97 -5.67 -22.67 21.86
CA PRO B 97 -4.34 -23.20 22.07
C PRO B 97 -3.66 -23.36 20.71
N TYR B 98 -2.48 -22.78 20.53
CA TYR B 98 -1.66 -23.02 19.30
C TYR B 98 -0.18 -22.93 19.61
N ASP B 99 0.50 -24.03 19.32
CA ASP B 99 1.96 -24.17 19.58
C ASP B 99 2.68 -23.68 18.33
N SER B 100 3.07 -22.41 18.32
CA SER B 100 3.68 -21.79 17.13
C SER B 100 4.98 -22.50 16.80
N PRO B 101 5.15 -23.00 15.57
CA PRO B 101 6.46 -23.52 15.16
C PRO B 101 7.54 -22.43 15.03
N GLU B 102 7.22 -21.14 15.19
CA GLU B 102 8.23 -20.04 15.18
C GLU B 102 8.74 -19.70 16.60
N ALA B 103 8.14 -20.27 17.64
CA ALA B 103 8.37 -19.85 19.05
C ALA B 103 9.04 -20.96 19.85
N LYS B 104 9.68 -21.92 19.22
CA LYS B 104 10.21 -23.04 20.01
C LYS B 104 11.19 -22.52 21.10
N ASN B 105 11.92 -21.41 20.87
CA ASN B 105 12.99 -20.92 21.79
C ASN B 105 12.56 -19.61 22.44
N TRP B 106 11.25 -19.35 22.43
CA TRP B 106 10.66 -18.30 23.31
C TRP B 106 10.86 -18.73 24.78
N PRO B 107 11.43 -17.85 25.63
CA PRO B 107 11.53 -18.15 27.06
C PRO B 107 10.11 -18.37 27.59
N ALA B 108 10.00 -19.14 28.67
CA ALA B 108 8.73 -19.56 29.28
C ALA B 108 8.06 -18.28 29.82
N ASN B 109 8.86 -17.23 30.08
CA ASN B 109 8.27 -15.99 30.60
C ASN B 109 7.87 -15.01 29.50
N ALA B 110 7.87 -15.41 28.23
CA ALA B 110 7.39 -14.60 27.10
C ALA B 110 6.27 -15.33 26.37
N ARG B 111 5.69 -16.33 27.01
CA ARG B 111 4.55 -17.08 26.43
C ARG B 111 3.72 -17.66 27.58
N LEU B 112 2.42 -17.64 27.42
CA LEU B 112 1.47 -18.33 28.33
C LEU B 112 1.25 -19.75 27.82
N GLY B 113 2.24 -20.61 27.96
CA GLY B 113 2.30 -21.91 27.26
C GLY B 113 1.96 -21.75 25.79
N ASN B 114 0.86 -22.34 25.30
CA ASN B 114 0.44 -22.29 23.87
C ASN B 114 -0.76 -21.38 23.70
N LEU B 115 -1.17 -20.67 24.75
CA LEU B 115 -2.38 -19.83 24.71
C LEU B 115 -2.05 -18.41 24.25
N ALA B 116 -0.86 -17.86 24.53
CA ALA B 116 -0.55 -16.46 24.17
C ALA B 116 0.98 -16.23 24.02
N TYR B 117 1.40 -15.19 23.30
CA TYR B 117 2.83 -14.98 22.90
C TYR B 117 3.22 -13.48 23.01
N SER B 118 4.39 -13.21 23.58
CA SER B 118 5.14 -11.95 23.38
C SER B 118 5.52 -11.88 21.90
N THR B 119 5.32 -10.71 21.32
CA THR B 119 5.75 -10.32 19.97
C THR B 119 6.77 -9.18 19.98
N THR B 120 7.02 -8.51 21.11
CA THR B 120 7.93 -7.31 21.14
C THR B 120 8.62 -7.18 22.51
N LEU B 121 9.63 -6.32 22.60
CA LEU B 121 10.26 -5.88 23.88
C LEU B 121 10.46 -4.36 23.81
N GLU B 122 9.40 -3.60 24.12
CA GLU B 122 9.35 -2.14 23.84
C GLU B 122 9.61 -1.35 25.11
N PRO B 123 10.69 -0.57 25.16
CA PRO B 123 11.01 0.17 26.37
C PRO B 123 10.05 1.35 26.57
N ALA B 124 9.74 1.67 27.83
CA ALA B 124 9.11 2.93 28.27
C ALA B 124 10.24 3.93 28.47
N VAL B 125 10.30 4.96 27.62
CA VAL B 125 11.42 5.92 27.51
C VAL B 125 10.93 7.34 27.84
N VAL B 126 11.87 8.26 27.82
CA VAL B 126 11.70 9.74 27.89
C VAL B 126 11.81 10.33 26.48
N VAL B 127 10.82 11.13 26.09
CA VAL B 127 10.90 11.89 24.83
C VAL B 127 10.84 13.35 25.25
N TYR B 128 11.53 14.20 24.50
CA TYR B 128 11.71 15.60 24.88
C TYR B 128 11.90 16.40 23.59
N ASN B 129 11.66 17.71 23.67
CA ASN B 129 11.80 18.70 22.58
C ASN B 129 13.19 19.32 22.73
N LYS B 130 14.06 19.03 21.76
CA LYS B 130 15.46 19.52 21.81
C LYS B 130 15.53 21.04 21.67
N ARG B 131 14.42 21.77 21.43
CA ARG B 131 14.44 23.26 21.43
C ARG B 131 14.50 23.77 22.86
N PHE B 132 13.99 22.97 23.80
CA PHE B 132 13.75 23.39 25.20
C PHE B 132 14.66 22.64 26.16
N LEU B 133 14.96 21.39 25.90
CA LEU B 133 15.99 20.62 26.65
C LEU B 133 16.99 20.09 25.63
N LYS B 134 18.25 20.44 25.79
CA LYS B 134 19.27 19.90 24.88
C LYS B 134 19.58 18.50 25.43
N PRO B 135 20.01 17.56 24.58
CA PRO B 135 20.15 16.16 24.99
C PRO B 135 20.97 15.98 26.28
N GLU B 136 22.08 16.72 26.40
CA GLU B 136 23.05 16.63 27.52
C GLU B 136 22.36 17.06 28.83
N GLU B 137 21.23 17.78 28.72
CA GLU B 137 20.43 18.27 29.86
C GLU B 137 19.44 17.22 30.38
N VAL B 138 19.10 16.18 29.60
CA VAL B 138 18.01 15.23 30.01
C VAL B 138 18.58 14.18 30.94
N PRO B 139 18.13 14.13 32.22
CA PRO B 139 18.53 13.07 33.14
C PRO B 139 17.96 11.73 32.68
N THR B 140 18.72 10.66 32.90
CA THR B 140 18.41 9.27 32.46
C THR B 140 18.12 8.44 33.69
N THR B 141 17.91 9.05 34.85
CA THR B 141 17.50 8.36 36.08
C THR B 141 16.26 9.05 36.64
N ARG B 142 15.46 8.32 37.38
CA ARG B 142 14.26 8.78 38.10
C ARG B 142 14.65 9.86 39.15
N GLU B 143 15.83 9.75 39.76
CA GLU B 143 16.32 10.78 40.74
C GLU B 143 16.53 12.11 39.99
N GLY B 144 17.32 12.07 38.92
CA GLY B 144 17.66 13.23 38.06
C GLY B 144 16.42 13.88 37.49
N LEU B 145 15.47 13.06 37.03
CA LEU B 145 14.17 13.56 36.51
C LEU B 145 13.40 14.27 37.61
N ALA B 146 13.38 13.72 38.81
CA ALA B 146 12.71 14.33 39.98
C ALA B 146 13.31 15.72 40.27
N ARG B 147 14.65 15.91 40.20
CA ARG B 147 15.30 17.21 40.53
C ARG B 147 14.94 18.22 39.45
N LEU B 148 15.12 17.82 38.18
CA LEU B 148 14.75 18.62 36.99
C LEU B 148 13.30 19.10 37.14
N LEU B 149 12.41 18.25 37.65
CA LEU B 149 10.95 18.56 37.75
C LEU B 149 10.65 19.43 38.97
N GLN B 150 11.65 19.78 39.80
CA GLN B 150 11.55 20.88 40.81
C GLN B 150 11.66 22.25 40.12
N GLU B 151 12.12 22.34 38.87
CA GLU B 151 12.40 23.65 38.26
C GLU B 151 11.07 24.35 37.98
N PRO B 152 10.93 25.66 38.33
CA PRO B 152 9.74 26.42 37.94
C PRO B 152 9.39 26.33 36.45
N ARG B 153 10.40 26.46 35.58
CA ARG B 153 10.29 26.48 34.07
C ARG B 153 9.70 25.16 33.56
N MET B 154 9.77 24.09 34.36
CA MET B 154 9.23 22.77 34.02
C MET B 154 7.78 22.61 34.48
N ARG B 155 7.24 23.52 35.28
CA ARG B 155 5.82 23.47 35.69
C ARG B 155 4.92 23.73 34.45
N GLY B 156 4.07 22.76 34.11
CA GLY B 156 3.13 22.79 32.98
C GLY B 156 3.70 22.09 31.77
N ARG B 157 4.94 21.58 31.85
CA ARG B 157 5.72 21.14 30.66
C ARG B 157 5.97 19.64 30.67
N VAL B 158 5.22 18.86 31.46
CA VAL B 158 5.46 17.40 31.62
C VAL B 158 4.20 16.62 31.26
N ALA B 159 4.35 15.54 30.50
CA ALA B 159 3.27 14.60 30.14
C ALA B 159 3.63 13.22 30.67
N THR B 160 2.66 12.46 31.15
CA THR B 160 2.88 11.01 31.38
C THR B 160 1.53 10.35 31.18
N TRP B 161 1.40 9.05 31.48
CA TRP B 161 0.16 8.28 31.27
C TRP B 161 -0.88 8.67 32.30
N ASP B 162 -2.17 8.57 31.94
CA ASP B 162 -3.26 8.45 32.95
C ASP B 162 -3.50 6.97 33.13
N PRO B 163 -2.98 6.36 34.22
CA PRO B 163 -3.11 4.92 34.43
C PRO B 163 -4.56 4.51 34.77
N GLU B 164 -5.42 5.49 35.04
CA GLU B 164 -6.86 5.30 35.28
C GLU B 164 -7.68 5.30 33.98
N ARG B 165 -7.11 5.65 32.85
CA ARG B 165 -7.84 5.76 31.56
C ARG B 165 -7.14 4.92 30.46
N SER B 166 -5.82 4.82 30.43
CA SER B 166 -5.07 3.90 29.53
C SER B 166 -4.65 2.64 30.29
N ALA B 167 -5.10 1.47 29.87
CA ALA B 167 -4.82 0.20 30.53
C ALA B 167 -3.33 -0.10 30.37
N VAL B 168 -2.72 0.26 29.24
CA VAL B 168 -1.26 0.02 29.10
C VAL B 168 -0.47 1.04 29.92
N GLY B 169 -0.98 2.28 30.06
CA GLY B 169 -0.42 3.24 31.03
C GLY B 169 -0.39 2.66 32.44
N PHE B 170 -1.43 1.93 32.82
CA PHE B 170 -1.43 1.19 34.10
C PHE B 170 -0.26 0.18 34.09
N THR B 171 -0.10 -0.61 33.03
CA THR B 171 0.88 -1.71 32.96
C THR B 171 2.27 -1.14 33.25
N ILE B 172 2.57 -0.02 32.61
CA ILE B 172 3.91 0.58 32.60
C ILE B 172 4.19 1.16 33.97
N LEU B 173 3.28 2.03 34.46
CA LEU B 173 3.50 2.82 35.69
C LEU B 173 3.43 1.87 36.88
N LYS B 174 2.56 0.86 36.86
CA LYS B 174 2.52 -0.17 37.94
C LYS B 174 3.83 -0.95 37.99
N ALA B 175 4.38 -1.35 36.85
CA ALA B 175 5.70 -2.03 36.81
C ALA B 175 6.84 -1.13 37.30
N ASP B 176 6.88 0.12 36.87
CA ASP B 176 7.82 1.17 37.36
C ASP B 176 7.77 1.29 38.89
N TYR B 177 6.57 1.38 39.44
CA TYR B 177 6.32 1.43 40.90
C TYR B 177 6.73 0.11 41.60
N ASP B 178 6.44 -1.06 41.02
CA ASP B 178 6.78 -2.36 41.69
C ASP B 178 8.31 -2.45 41.83
N ARG B 179 9.07 -2.01 40.81
CA ARG B 179 10.52 -2.32 40.64
C ARG B 179 11.44 -1.19 41.12
N PHE B 180 11.07 0.10 41.01
CA PHE B 180 11.99 1.22 41.28
C PHE B 180 11.45 2.07 42.43
N PRO B 181 12.08 1.99 43.62
CA PRO B 181 11.72 2.89 44.72
C PRO B 181 11.83 4.38 44.36
N ALA B 182 12.70 4.76 43.43
CA ALA B 182 12.92 6.16 43.03
C ALA B 182 11.68 6.69 42.28
N PHE B 183 10.82 5.79 41.86
CA PHE B 183 9.57 6.11 41.12
C PHE B 183 8.65 6.97 41.99
N GLN B 184 8.60 6.66 43.27
CA GLN B 184 7.78 7.36 44.28
C GLN B 184 8.17 8.84 44.32
N GLU B 185 9.45 9.12 44.47
CA GLU B 185 10.02 10.50 44.44
C GLU B 185 9.58 11.15 43.11
N LEU B 186 9.70 10.42 42.00
CA LEU B 186 9.38 10.91 40.63
C LEU B 186 7.88 11.19 40.51
N ALA B 187 7.02 10.33 41.06
CA ALA B 187 5.56 10.53 41.08
C ALA B 187 5.19 11.85 41.76
N ARG B 188 5.72 12.06 42.97
CA ARG B 188 5.53 13.34 43.67
C ARG B 188 6.05 14.50 42.80
N ALA B 189 7.10 14.29 42.02
CA ALA B 189 7.73 15.36 41.19
C ALA B 189 6.76 15.73 40.05
N PHE B 190 6.03 14.74 39.52
CA PHE B 190 4.91 14.96 38.57
C PHE B 190 3.85 15.91 39.14
N GLY B 191 3.51 15.75 40.42
CA GLY B 191 2.58 16.64 41.14
C GLY B 191 3.16 18.04 41.28
N LYS B 192 4.44 18.14 41.61
CA LYS B 192 5.16 19.44 41.68
C LYS B 192 5.09 20.17 40.33
N ALA B 193 5.33 19.47 39.23
CA ALA B 193 5.43 20.09 37.90
C ALA B 193 4.07 20.10 37.18
N GLN B 194 2.96 19.82 37.89
CA GLN B 194 1.57 19.80 37.33
C GLN B 194 1.54 18.94 36.06
N ALA B 195 2.14 17.77 36.09
CA ALA B 195 2.20 16.81 34.96
C ALA B 195 0.79 16.67 34.38
N ALA B 196 0.62 16.82 33.07
CA ALA B 196 -0.63 16.53 32.35
C ALA B 196 -0.60 15.05 31.94
N LEU B 197 -1.71 14.34 32.17
CA LEU B 197 -1.87 12.88 32.04
C LEU B 197 -2.69 12.56 30.77
N TYR B 198 -2.20 11.58 29.97
CA TYR B 198 -2.68 11.24 28.60
C TYR B 198 -2.99 9.74 28.47
N SER B 199 -4.00 9.41 27.69
CA SER B 199 -4.44 8.02 27.48
C SER B 199 -4.00 7.48 26.11
N SER B 200 -3.19 8.23 25.36
CA SER B 200 -2.52 7.72 24.12
C SER B 200 -1.18 8.42 23.90
N THR B 201 -0.18 7.66 23.41
CA THR B 201 1.15 8.18 23.02
C THR B 201 1.00 9.39 22.08
N GLY B 202 0.08 9.31 21.10
CA GLY B 202 -0.11 10.36 20.08
C GLY B 202 -0.46 11.69 20.70
N ALA B 203 -1.40 11.72 21.65
CA ALA B 203 -1.81 12.98 22.29
C ALA B 203 -0.59 13.62 22.96
N ALA B 204 0.17 12.85 23.73
CA ALA B 204 1.34 13.35 24.47
C ALA B 204 2.44 13.86 23.51
N PHE B 205 2.73 13.12 22.41
CA PHE B 205 3.84 13.48 21.48
C PHE B 205 3.55 14.81 20.77
N GLU B 206 2.33 14.99 20.26
CA GLU B 206 1.86 16.28 19.64
C GLU B 206 2.26 17.47 20.52
N LYS B 207 1.79 17.42 21.76
CA LYS B 207 2.01 18.48 22.78
C LYS B 207 3.52 18.67 23.00
N VAL B 208 4.29 17.59 23.08
CA VAL B 208 5.77 17.71 23.19
C VAL B 208 6.33 18.34 21.89
N ILE B 209 5.91 17.89 20.71
CA ILE B 209 6.47 18.39 19.41
C ILE B 209 6.11 19.87 19.25
N SER B 210 4.94 20.28 19.73
CA SER B 210 4.49 21.70 19.68
C SER B 210 5.20 22.53 20.74
N GLY B 211 5.77 21.92 21.78
CA GLY B 211 6.41 22.64 22.89
C GLY B 211 5.44 22.97 24.03
N GLU B 212 4.14 22.68 23.90
CA GLU B 212 3.21 22.90 25.05
C GLU B 212 3.78 22.18 26.28
N HIS B 213 4.38 21.01 26.05
CA HIS B 213 5.19 20.21 27.00
C HIS B 213 6.63 20.06 26.45
N TYR B 214 7.60 19.88 27.34
CA TYR B 214 9.04 19.79 27.00
C TYR B 214 9.49 18.33 27.06
N LEU B 215 8.73 17.48 27.75
CA LEU B 215 9.22 16.16 28.17
C LEU B 215 8.02 15.24 28.42
N ALA B 216 8.04 14.01 27.92
CA ALA B 216 7.02 12.97 28.21
C ALA B 216 7.72 11.76 28.80
N TYR B 217 7.09 11.14 29.78
CA TYR B 217 7.70 10.00 30.47
C TYR B 217 6.84 8.75 30.30
N GLY B 218 7.45 7.67 29.87
CA GLY B 218 6.85 6.33 29.96
C GLY B 218 6.17 5.90 28.66
N PHE B 219 6.34 6.58 27.52
CA PHE B 219 5.74 6.18 26.22
C PHE B 219 6.69 5.25 25.45
N PHE B 220 6.19 4.58 24.44
CA PHE B 220 6.92 3.53 23.68
C PHE B 220 8.09 4.15 22.90
N GLY B 221 9.26 3.56 23.03
CA GLY B 221 10.41 3.92 22.16
C GLY B 221 10.11 3.62 20.70
N SER B 222 9.30 2.59 20.41
CA SER B 222 8.84 2.22 19.04
C SER B 222 8.31 3.48 18.34
N TYR B 223 7.30 4.08 18.93
CA TYR B 223 6.54 5.23 18.35
C TYR B 223 7.43 6.45 18.21
N ALA B 224 8.29 6.69 19.21
CA ALA B 224 9.24 7.82 19.26
C ALA B 224 10.23 7.75 18.08
N LEU B 225 10.74 6.58 17.71
CA LEU B 225 11.72 6.44 16.58
C LEU B 225 11.03 6.71 15.25
N LEU B 226 9.80 6.22 15.11
CA LEU B 226 8.98 6.42 13.91
C LEU B 226 8.78 7.93 13.69
N ARG B 227 8.37 8.66 14.72
CA ARG B 227 8.05 10.12 14.59
C ARG B 227 9.34 10.90 14.28
N GLN B 228 10.46 10.49 14.86
CA GLN B 228 11.81 11.09 14.69
C GLN B 228 12.18 11.22 13.20
N ARG B 229 11.76 10.23 12.37
CA ARG B 229 11.88 10.27 10.89
C ARG B 229 11.49 11.65 10.33
N THR B 230 10.38 12.21 10.82
CA THR B 230 9.67 13.37 10.23
C THR B 230 9.93 14.66 11.03
N VAL B 231 10.41 14.57 12.28
CA VAL B 231 10.53 15.69 13.27
C VAL B 231 11.97 15.81 13.79
N LYS B 232 12.66 16.89 13.49
CA LYS B 232 14.05 17.15 13.97
C LYS B 232 14.09 17.11 15.51
N ASP B 233 13.20 17.85 16.14
CA ASP B 233 13.33 18.34 17.54
C ASP B 233 12.97 17.25 18.55
N LEU B 234 12.56 16.07 18.11
CA LEU B 234 12.08 15.05 19.06
C LEU B 234 13.27 14.17 19.44
N GLY B 235 13.55 14.11 20.74
CA GLY B 235 14.68 13.36 21.31
C GLY B 235 14.19 12.20 22.13
N ILE B 236 15.03 11.16 22.21
CA ILE B 236 14.76 9.96 23.04
C ILE B 236 15.89 9.80 24.05
N ALA B 237 15.52 9.67 25.31
CA ALA B 237 16.44 9.38 26.42
C ALA B 237 15.99 8.08 27.10
N TYR B 238 16.93 7.14 27.27
CA TYR B 238 16.66 5.80 27.84
C TYR B 238 17.14 5.85 29.28
N LEU B 239 16.39 5.23 30.19
CA LEU B 239 16.70 5.20 31.64
C LEU B 239 17.78 4.16 31.94
N THR B 240 18.88 4.64 32.52
CA THR B 240 20.11 3.87 32.81
C THR B 240 20.06 3.36 34.25
N ASP B 241 19.07 3.81 35.04
CA ASP B 241 18.82 3.33 36.42
C ASP B 241 17.81 2.20 36.37
N GLY B 242 17.25 1.86 35.20
CA GLY B 242 16.28 0.74 35.03
C GLY B 242 15.13 1.11 34.09
N THR B 243 14.76 0.23 33.17
CA THR B 243 13.83 0.53 32.08
C THR B 243 12.79 -0.58 32.04
N VAL B 244 11.51 -0.21 32.15
CA VAL B 244 10.35 -1.12 31.98
C VAL B 244 10.19 -1.38 30.48
N ALA B 245 10.09 -2.63 30.06
CA ALA B 245 9.85 -3.03 28.66
C ALA B 245 8.52 -3.81 28.62
N ILE B 246 7.58 -3.41 27.78
CA ILE B 246 6.37 -4.25 27.64
C ILE B 246 6.67 -5.30 26.57
N GLN B 247 5.97 -6.41 26.62
CA GLN B 247 5.94 -7.40 25.55
C GLN B 247 4.52 -7.38 25.03
N ARG B 248 4.39 -6.92 23.81
CA ARG B 248 3.07 -6.82 23.18
C ARG B 248 2.52 -8.23 23.01
N VAL B 249 1.35 -8.49 23.58
CA VAL B 249 0.80 -9.86 23.71
C VAL B 249 -0.19 -10.16 22.59
N ALA B 250 -0.02 -11.32 21.91
CA ALA B 250 -0.86 -11.79 20.78
C ALA B 250 -1.58 -13.09 21.19
N PHE B 251 -2.85 -13.20 20.85
CA PHE B 251 -3.55 -14.49 21.01
C PHE B 251 -4.61 -14.59 19.95
N ILE B 252 -4.97 -15.84 19.67
CA ILE B 252 -6.08 -16.19 18.74
C ILE B 252 -7.37 -16.38 19.55
N ASN B 253 -8.42 -15.74 19.07
CA ASN B 253 -9.80 -16.00 19.56
C ASN B 253 -10.13 -17.49 19.39
N LYS B 254 -10.50 -18.17 20.48
CA LYS B 254 -11.03 -19.56 20.42
C LYS B 254 -12.20 -19.61 19.44
N ARG B 255 -12.97 -18.54 19.31
CA ARG B 255 -14.17 -18.53 18.44
C ARG B 255 -13.90 -17.68 17.19
N ALA B 256 -12.61 -17.55 16.79
CA ALA B 256 -12.21 -16.99 15.47
C ALA B 256 -13.00 -17.70 14.37
N ALA B 257 -13.56 -16.93 13.43
CA ALA B 257 -14.17 -17.48 12.19
C ALA B 257 -13.03 -17.94 11.27
N HIS B 258 -11.85 -17.34 11.46
CA HIS B 258 -10.65 -17.54 10.58
C HIS B 258 -9.43 -17.83 11.45
N PRO B 259 -9.46 -18.97 12.20
CA PRO B 259 -8.36 -19.36 13.07
C PRO B 259 -7.03 -19.62 12.33
N ASN B 260 -7.09 -20.15 11.11
CA ASN B 260 -5.85 -20.52 10.38
C ASN B 260 -5.20 -19.26 9.83
N ALA B 261 -5.99 -18.30 9.38
CA ALA B 261 -5.43 -16.99 8.97
C ALA B 261 -4.75 -16.38 10.20
N ALA B 262 -5.36 -16.49 11.39
CA ALA B 262 -4.79 -15.95 12.67
C ALA B 262 -3.49 -16.67 12.98
N LYS B 263 -3.45 -18.00 12.81
CA LYS B 263 -2.23 -18.83 12.96
C LYS B 263 -1.13 -18.31 12.03
N LEU B 264 -1.44 -18.05 10.76
CA LEU B 264 -0.38 -17.58 9.82
C LEU B 264 0.21 -16.28 10.36
N PHE B 265 -0.66 -15.40 10.89
CA PHE B 265 -0.27 -14.02 11.24
C PHE B 265 0.51 -14.04 12.55
N LEU B 266 0.09 -14.92 13.45
CA LEU B 266 0.85 -15.06 14.72
C LEU B 266 2.25 -15.53 14.33
N ASP B 267 2.33 -16.60 13.53
CA ASP B 267 3.61 -17.24 13.11
C ASP B 267 4.41 -16.17 12.40
N TYR B 268 3.79 -15.37 11.52
CA TYR B 268 4.47 -14.22 10.88
C TYR B 268 5.11 -13.30 11.93
N LEU B 269 4.33 -12.82 12.89
CA LEU B 269 4.85 -11.88 13.91
C LEU B 269 6.09 -12.47 14.60
N LEU B 270 6.17 -13.79 14.78
CA LEU B 270 7.21 -14.42 15.64
C LEU B 270 8.42 -14.78 14.80
N SER B 271 8.30 -14.80 13.48
CA SER B 271 9.35 -15.34 12.59
C SER B 271 10.57 -14.41 12.56
N LEU B 272 11.68 -14.89 12.05
CA LEU B 272 12.85 -14.05 11.72
C LEU B 272 12.42 -12.86 10.84
N ARG B 273 11.53 -13.08 9.86
CA ARG B 273 11.10 -12.00 8.93
C ARG B 273 10.29 -10.94 9.65
N GLY B 274 9.29 -11.31 10.42
CA GLY B 274 8.46 -10.34 11.14
C GLY B 274 9.32 -9.53 12.07
N GLN B 275 10.10 -10.20 12.92
CA GLN B 275 10.94 -9.54 13.94
C GLN B 275 11.95 -8.59 13.23
N ASN B 276 12.53 -8.99 12.11
CA ASN B 276 13.53 -8.18 11.39
C ASN B 276 12.85 -6.95 10.76
N LEU B 277 11.69 -7.19 10.17
CA LEU B 277 10.88 -6.09 9.55
C LEU B 277 10.42 -5.14 10.66
N MET B 278 10.05 -5.65 11.84
CA MET B 278 9.76 -4.88 13.09
C MET B 278 10.91 -3.92 13.45
N ALA B 279 12.15 -4.41 13.40
CA ALA B 279 13.34 -3.70 13.94
C ALA B 279 13.78 -2.65 12.93
N TYR B 280 13.58 -2.94 11.65
CA TYR B 280 14.31 -2.25 10.55
C TYR B 280 13.36 -1.28 9.88
N THR B 281 12.13 -1.71 9.54
CA THR B 281 11.14 -0.89 8.80
C THR B 281 10.03 -0.39 9.75
N ALA B 282 9.32 -1.25 10.47
CA ALA B 282 8.19 -0.82 11.33
C ALA B 282 8.72 0.04 12.51
N LEU B 283 9.99 -0.17 12.92
CA LEU B 283 10.66 0.51 14.06
C LEU B 283 9.88 0.26 15.35
N ILE B 284 9.27 -0.93 15.44
CA ILE B 284 8.75 -1.53 16.70
C ILE B 284 9.89 -2.34 17.31
N PHE B 285 10.23 -2.12 18.57
CA PHE B 285 11.34 -2.86 19.23
C PHE B 285 11.01 -4.36 19.31
N ALA B 286 11.73 -5.16 18.56
CA ALA B 286 11.53 -6.60 18.36
C ALA B 286 11.84 -7.36 19.64
N ARG B 287 11.27 -8.56 19.75
CA ARG B 287 11.55 -9.56 20.81
C ARG B 287 12.86 -10.34 20.50
N ARG B 288 13.06 -10.78 19.28
CA ARG B 288 14.26 -11.58 18.92
C ARG B 288 15.51 -10.70 18.96
N GLU B 289 16.62 -11.27 19.44
CA GLU B 289 17.86 -10.53 19.73
C GLU B 289 18.78 -10.58 18.52
N THR B 290 18.53 -11.44 17.54
CA THR B 290 19.32 -11.56 16.27
C THR B 290 18.71 -10.69 15.15
N VAL B 291 18.18 -9.52 15.49
CA VAL B 291 17.55 -8.57 14.53
C VAL B 291 18.50 -7.38 14.28
N VAL B 292 18.38 -6.83 13.08
CA VAL B 292 19.15 -5.64 12.60
C VAL B 292 18.14 -4.52 12.36
N GLY B 293 18.50 -3.30 12.72
CA GLY B 293 17.61 -2.12 12.67
C GLY B 293 17.85 -1.23 13.87
N GLU B 294 17.18 -0.08 13.89
CA GLU B 294 17.19 0.88 15.02
C GLU B 294 16.45 0.29 16.23
N ALA B 295 15.35 -0.43 16.02
CA ALA B 295 14.40 -0.87 17.08
C ALA B 295 14.71 -2.30 17.49
N THR B 296 15.84 -2.50 18.19
CA THR B 296 16.35 -3.84 18.58
C THR B 296 16.63 -3.91 20.06
N PRO B 297 16.54 -5.14 20.63
CA PRO B 297 17.09 -5.44 21.95
C PRO B 297 18.51 -4.90 22.13
N GLN B 298 19.39 -5.14 21.15
CA GLN B 298 20.83 -4.77 21.28
C GLN B 298 20.96 -3.23 21.31
N ALA B 299 20.12 -2.49 20.60
CA ALA B 299 20.15 -1.00 20.62
C ALA B 299 19.70 -0.52 21.99
N LEU B 300 18.69 -1.14 22.60
CA LEU B 300 18.15 -0.77 23.93
C LEU B 300 19.19 -1.12 25.02
N TYR B 301 19.77 -2.32 24.99
CA TYR B 301 20.82 -2.78 25.96
C TYR B 301 22.02 -1.82 25.94
N LYS B 302 22.40 -1.37 24.75
CA LYS B 302 23.51 -0.41 24.61
C LYS B 302 23.08 0.89 25.30
N ALA B 303 21.86 1.36 25.03
CA ALA B 303 21.37 2.68 25.51
C ALA B 303 21.28 2.72 27.05
N VAL B 304 20.95 1.60 27.71
CA VAL B 304 20.70 1.58 29.17
C VAL B 304 21.90 1.04 29.93
N GLY B 305 22.92 0.53 29.24
CA GLY B 305 24.14 -0.03 29.86
C GLY B 305 24.07 -1.52 30.19
N GLY B 306 23.27 -2.30 29.45
CA GLY B 306 23.28 -3.78 29.54
C GLY B 306 21.88 -4.37 29.72
N LYS B 307 21.75 -5.64 29.32
CA LYS B 307 20.50 -6.42 29.42
C LYS B 307 19.91 -6.29 30.84
N ASP B 308 20.75 -6.29 31.88
CA ASP B 308 20.37 -6.36 33.30
C ASP B 308 19.69 -5.06 33.73
N LYS B 309 19.76 -3.99 32.94
CA LYS B 309 19.08 -2.72 33.27
C LYS B 309 17.67 -2.69 32.65
N VAL B 310 17.20 -3.80 32.06
CA VAL B 310 15.86 -3.92 31.43
C VAL B 310 15.01 -4.87 32.28
N TYR B 311 13.90 -4.41 32.82
CA TYR B 311 12.91 -5.31 33.43
C TYR B 311 11.87 -5.60 32.34
N ALA B 312 11.94 -6.79 31.74
CA ALA B 312 10.88 -7.29 30.84
C ALA B 312 9.70 -7.78 31.71
N ILE B 313 8.53 -7.20 31.54
CA ILE B 313 7.29 -7.69 32.21
C ILE B 313 6.96 -9.03 31.57
N PRO B 314 6.87 -10.13 32.33
CA PRO B 314 6.57 -11.44 31.75
C PRO B 314 5.12 -11.68 31.27
N VAL B 315 4.98 -12.54 30.27
CA VAL B 315 3.68 -12.98 29.74
C VAL B 315 3.29 -14.19 30.60
N SER B 316 2.86 -13.89 31.84
CA SER B 316 2.45 -14.87 32.87
C SER B 316 1.22 -14.37 33.63
N THR B 317 0.44 -15.27 34.16
CA THR B 317 -0.71 -15.05 35.07
C THR B 317 -0.27 -14.42 36.40
N GLU B 318 1.03 -14.39 36.69
CA GLU B 318 1.54 -13.77 37.93
C GLU B 318 1.30 -12.26 37.90
N ILE B 319 1.25 -11.67 36.72
CA ILE B 319 1.06 -10.20 36.63
C ILE B 319 -0.42 -9.88 36.82
N LEU B 320 -1.32 -10.86 36.96
CA LEU B 320 -2.76 -10.57 37.22
C LEU B 320 -2.98 -10.02 38.64
N LYS B 321 -2.01 -10.21 39.50
CA LYS B 321 -1.84 -9.49 40.79
C LYS B 321 -2.18 -8.01 40.57
N ASN B 322 -1.86 -7.49 39.40
CA ASN B 322 -1.96 -6.03 39.12
C ASN B 322 -3.44 -5.63 39.03
N LEU B 323 -4.35 -6.60 38.94
CA LEU B 323 -5.82 -6.38 38.96
C LEU B 323 -6.42 -6.84 40.29
N ASP B 324 -5.64 -7.37 41.20
CA ASP B 324 -6.13 -7.75 42.56
C ASP B 324 -6.50 -6.44 43.25
N PRO B 325 -7.69 -6.36 43.89
CA PRO B 325 -8.14 -5.11 44.51
C PRO B 325 -7.15 -4.40 45.42
N ALA B 326 -6.58 -5.10 46.40
CA ALA B 326 -5.62 -4.55 47.39
C ALA B 326 -4.45 -3.91 46.65
N GLU B 327 -3.94 -4.62 45.66
CA GLU B 327 -2.75 -4.24 44.86
C GLU B 327 -3.09 -2.99 44.01
N ARG B 328 -4.26 -3.01 43.37
CA ARG B 328 -4.77 -1.91 42.51
CA ARG B 328 -4.79 -1.92 42.52
C ARG B 328 -4.95 -0.67 43.39
N MET B 329 -5.65 -0.83 44.51
CA MET B 329 -5.87 0.27 45.50
C MET B 329 -4.53 0.92 45.94
N ARG B 330 -3.54 0.15 46.37
CA ARG B 330 -2.30 0.74 46.94
C ARG B 330 -1.62 1.58 45.86
N PHE B 331 -1.52 1.05 44.64
CA PHE B 331 -0.83 1.77 43.56
C PHE B 331 -1.59 3.07 43.30
N LEU B 332 -2.92 3.01 43.07
CA LEU B 332 -3.71 4.10 42.48
C LEU B 332 -3.82 5.19 43.53
N THR B 333 -3.90 4.79 44.80
CA THR B 333 -4.08 5.72 45.94
C THR B 333 -2.76 6.46 46.10
N PHE B 334 -1.63 5.77 45.91
CA PHE B 334 -0.33 6.40 46.04
C PHE B 334 -0.21 7.38 44.87
N TRP B 335 -0.54 6.90 43.68
CA TRP B 335 -0.40 7.68 42.42
C TRP B 335 -1.25 8.96 42.49
N ARG B 336 -2.49 8.91 43.02
CA ARG B 336 -3.44 10.05 42.98
C ARG B 336 -2.99 11.11 44.00
N GLN B 337 -2.43 10.70 45.14
CA GLN B 337 -1.99 11.65 46.18
C GLN B 337 -0.70 12.32 45.66
N ALA B 338 0.13 11.59 44.94
CA ALA B 338 1.48 12.06 44.53
C ALA B 338 1.32 13.09 43.40
N VAL B 339 0.36 12.84 42.52
CA VAL B 339 0.27 13.47 41.19
C VAL B 339 -0.71 14.65 41.20
N ARG B 340 -1.58 14.78 42.23
CA ARG B 340 -2.40 16.00 42.47
C ARG B 340 -1.78 16.89 43.57
MN MN C . -4.83 10.79 -25.38
C1 CIT D . -4.78 7.51 -23.91
O1 CIT D . -4.17 8.36 -24.62
O2 CIT D . -4.95 6.31 -24.26
C2 CIT D . -5.37 7.94 -22.58
C3 CIT D . -5.54 9.45 -22.38
O7 CIT D . -6.24 10.03 -23.47
C4 CIT D . -6.34 9.68 -21.09
C5 CIT D . -7.79 9.23 -21.14
O3 CIT D . -8.49 9.59 -22.10
O4 CIT D . -8.21 8.50 -20.20
C6 CIT D . -4.14 10.11 -22.26
O5 CIT D . -3.94 11.11 -22.97
O6 CIT D . -3.32 9.62 -21.49
S SO4 E . -0.57 -14.08 -39.70
O1 SO4 E . 0.66 -13.41 -39.39
O2 SO4 E . -1.43 -13.20 -40.45
O3 SO4 E . -1.20 -14.48 -38.46
O4 SO4 E . -0.29 -15.24 -40.50
S SO3 F . 16.12 6.02 -20.90
O1 SO3 F . 15.23 4.95 -21.46
O2 SO3 F . 17.50 5.47 -21.04
O3 SO3 F . 15.84 6.01 -19.42
C1 EDO G . 15.29 13.88 5.09
O1 EDO G . 15.06 15.04 5.86
C2 EDO G . 14.25 13.76 4.04
O2 EDO G . 14.65 13.24 2.78
C1 EDO H . -4.35 18.09 -10.98
O1 EDO H . -3.88 17.01 -10.22
C2 EDO H . -3.96 19.41 -10.40
O2 EDO H . -2.86 20.04 -11.05
C1 GOL I . -11.19 10.49 -18.95
O1 GOL I . -11.65 9.25 -19.45
C2 GOL I . -10.93 11.51 -20.05
O2 GOL I . -10.00 12.48 -19.57
C3 GOL I . -12.20 12.21 -20.51
O3 GOL I . -12.99 11.41 -21.37
O1 PG4 J . 1.15 -19.94 -37.87
C1 PG4 J . 2.20 -19.07 -37.48
C2 PG4 J . 1.75 -18.06 -36.45
O2 PG4 J . 2.28 -16.77 -36.78
C3 PG4 J . 2.62 -15.99 -35.63
C4 PG4 J . 2.07 -14.61 -35.78
O3 PG4 J . 0.93 -14.44 -34.94
C5 PG4 J . 0.28 -13.18 -35.12
C6 PG4 J . -0.11 -12.60 -33.80
O4 PG4 J . 0.96 -12.76 -32.87
C7 PG4 J . 0.69 -12.17 -31.59
C8 PG4 J . 0.10 -13.20 -30.66
O5 PG4 J . 1.08 -13.81 -29.82
MN MN K . -2.84 3.27 19.85
C1 CIT L . -0.50 1.51 22.21
O1 CIT L . -0.39 2.17 21.12
O2 CIT L . 0.05 0.41 22.44
C2 CIT L . -1.35 2.07 23.35
C3 CIT L . -2.22 3.30 23.05
O7 CIT L . -3.26 2.96 22.14
C4 CIT L . -2.92 3.72 24.35
C5 CIT L . -3.98 2.74 24.83
O3 CIT L . -4.23 2.63 26.05
O4 CIT L . -4.56 2.06 23.96
C6 CIT L . -1.32 4.43 22.45
O5 CIT L . -1.67 4.93 21.34
O6 CIT L . -0.26 4.72 23.08
S SO4 M . 14.23 -20.25 16.32
O1 SO4 M . 12.93 -20.23 15.72
O2 SO4 M . 14.92 -19.04 15.93
O3 SO4 M . 14.97 -21.41 15.87
O4 SO4 M . 14.12 -20.28 17.75
S SO3 N . 17.44 11.36 19.80
O1 SO3 N . 17.88 9.94 19.94
O2 SO3 N . 18.59 12.05 19.14
O3 SO3 N . 17.43 11.89 21.21
S SO2 O . 17.62 22.64 33.03
O1 SO2 O . 18.78 23.49 33.19
O2 SO2 O . 16.60 23.07 32.12
C1 EDO P . 6.74 -0.92 46.13
O1 EDO P . 5.69 -0.33 46.87
C2 EDO P . 8.08 -0.38 46.50
O2 EDO P . 9.12 -0.78 45.63
C1 PEG Q . 14.84 -13.85 23.23
O1 PEG Q . 15.67 -14.21 24.34
C2 PEG Q . 14.05 -15.00 22.71
O2 PEG Q . 13.79 -14.87 21.31
C3 PEG Q . 14.88 -15.26 20.47
C4 PEG Q . 14.71 -16.68 19.99
O4 PEG Q . 15.97 -17.36 19.72
#